data_5QAN
#
_entry.id   5QAN
#
_cell.length_a   44.935
_cell.length_b   125.236
_cell.length_c   107.702
_cell.angle_alpha   90.000
_cell.angle_beta   98.420
_cell.angle_gamma   90.000
#
_symmetry.space_group_name_H-M   'P 1 21 1'
#
loop_
_entity.id
_entity.type
_entity.pdbx_description
1 polymer Beta-lactamase
2 non-polymer '3-[3-(methylsulfonylaminomethyl)phenyl]benzoic acid'
3 non-polymer 'CHLORIDE ION'
4 water water
#
_entity_poly.entity_id   1
_entity_poly.type   'polypeptide(L)'
_entity_poly.pdbx_seq_one_letter_code
;KEWQENKSWNAHFTEHKSQGVVVLWNENKQQGFTNNLKRANQAFLPASTF(KCX)IPNSLIALDLGVVKDEHQVFKWDGQ
TRDIATWNRDHNLITAMKYSVVPVYQEFARQIGEARMSKMLHAFDYGNEDISGNVDSFWLDGGIRISATEQISFLRKLYH
NKLHVSERSQRIVKQAMLTEANGDYIIRAKTGYSTRIEPKIGWWVGWVELDDNVWFFAMNMDMPTSDGLGLRQAITKEVL
KQEKIIP
;
_entity_poly.pdbx_strand_id   A,B,C,D
#
loop_
_chem_comp.id
_chem_comp.type
_chem_comp.name
_chem_comp.formula
CL non-polymer 'CHLORIDE ION' 'Cl -1'
M8Q non-polymer '3-[3-(methylsulfonylaminomethyl)phenyl]benzoic acid' 'C15 H15 N O4 S'
#
# COMPACT_ATOMS: atom_id res chain seq x y z
N GLU A 2 2.35 -7.77 43.75
CA GLU A 2 2.72 -7.10 42.51
C GLU A 2 1.85 -7.56 41.34
N TRP A 3 1.33 -8.78 41.43
CA TRP A 3 0.42 -9.31 40.42
C TRP A 3 -0.79 -9.93 41.09
N GLN A 4 -1.93 -9.84 40.41
CA GLN A 4 -3.18 -10.39 40.90
C GLN A 4 -3.97 -10.96 39.75
N GLU A 5 -4.61 -12.10 39.99
CA GLU A 5 -5.44 -12.77 39.00
C GLU A 5 -6.90 -12.44 39.24
N ASN A 6 -7.59 -12.04 38.18
CA ASN A 6 -9.02 -11.69 38.23
C ASN A 6 -9.70 -12.55 37.17
N LYS A 7 -10.21 -13.71 37.59
CA LYS A 7 -10.84 -14.63 36.65
C LYS A 7 -12.22 -14.17 36.21
N SER A 8 -12.78 -13.15 36.85
CA SER A 8 -14.06 -12.61 36.38
C SER A 8 -13.95 -12.08 34.96
N TRP A 9 -12.76 -11.60 34.57
CA TRP A 9 -12.56 -11.11 33.21
C TRP A 9 -12.74 -12.19 32.17
N ASN A 10 -12.59 -13.47 32.54
CA ASN A 10 -12.77 -14.53 31.56
C ASN A 10 -14.15 -14.49 30.93
N ALA A 11 -15.14 -13.91 31.62
CA ALA A 11 -16.48 -13.79 31.05
C ALA A 11 -16.45 -12.98 29.75
N HIS A 12 -15.58 -11.97 29.67
CA HIS A 12 -15.52 -11.15 28.47
C HIS A 12 -14.96 -11.92 27.28
N PHE A 13 -14.20 -12.99 27.52
CA PHE A 13 -13.72 -13.86 26.44
C PHE A 13 -14.74 -14.95 26.14
N THR A 14 -15.24 -15.63 27.18
CA THR A 14 -16.21 -16.70 26.97
C THR A 14 -17.50 -16.15 26.39
N GLU A 15 -17.79 -14.86 26.63
CA GLU A 15 -18.94 -14.22 26.02
C GLU A 15 -18.96 -14.41 24.51
N HIS A 16 -17.78 -14.37 23.90
CA HIS A 16 -17.64 -14.46 22.44
C HIS A 16 -17.10 -15.82 22.01
N LYS A 17 -17.26 -16.85 22.83
CA LYS A 17 -16.81 -18.19 22.52
C LYS A 17 -15.34 -18.19 22.10
N SER A 18 -14.56 -17.29 22.71
N SER A 18 -14.55 -17.29 22.67
CA SER A 18 -13.15 -17.11 22.43
CA SER A 18 -13.12 -17.26 22.38
C SER A 18 -12.33 -17.42 23.68
C SER A 18 -12.33 -17.38 23.67
N GLN A 19 -11.01 -17.43 23.52
CA GLN A 19 -10.09 -17.62 24.63
C GLN A 19 -8.94 -16.63 24.46
N GLY A 20 -8.46 -16.11 25.57
CA GLY A 20 -7.36 -15.15 25.50
C GLY A 20 -7.02 -14.62 26.86
N VAL A 21 -6.08 -13.68 26.86
CA VAL A 21 -5.56 -13.08 28.08
C VAL A 21 -5.60 -11.57 27.94
N VAL A 22 -5.89 -10.89 29.04
CA VAL A 22 -5.72 -9.45 29.15
C VAL A 22 -4.79 -9.20 30.33
N VAL A 23 -3.84 -8.30 30.14
CA VAL A 23 -2.90 -7.92 31.19
C VAL A 23 -2.95 -6.40 31.33
N LEU A 24 -3.12 -5.94 32.57
CA LEU A 24 -3.12 -4.52 32.88
C LEU A 24 -2.01 -4.23 33.87
N TRP A 25 -1.44 -3.03 33.77
CA TRP A 25 -0.39 -2.58 34.70
C TRP A 25 -0.73 -1.17 35.16
N ASN A 26 -0.91 -1.01 36.46
CA ASN A 26 -1.12 0.30 37.06
C ASN A 26 0.24 0.91 37.35
N GLU A 27 0.61 1.93 36.58
CA GLU A 27 1.95 2.49 36.70
C GLU A 27 2.16 3.17 38.05
N ASN A 28 1.17 3.93 38.52
CA ASN A 28 1.32 4.62 39.79
C ASN A 28 1.53 3.63 40.93
N LYS A 29 0.70 2.59 41.00
CA LYS A 29 0.82 1.63 42.09
C LYS A 29 1.78 0.48 41.77
N GLN A 30 2.32 0.40 40.56
CA GLN A 30 3.25 -0.67 40.21
C GLN A 30 2.64 -2.04 40.48
N GLN A 31 1.40 -2.22 40.02
CA GLN A 31 0.66 -3.46 40.20
C GLN A 31 0.10 -3.93 38.87
N GLY A 32 0.14 -5.24 38.66
CA GLY A 32 -0.40 -5.84 37.44
C GLY A 32 -1.62 -6.69 37.71
N PHE A 33 -2.44 -6.88 36.68
CA PHE A 33 -3.68 -7.65 36.79
C PHE A 33 -3.87 -8.43 35.50
N THR A 34 -4.35 -9.67 35.62
CA THR A 34 -4.61 -10.49 34.44
C THR A 34 -5.66 -11.54 34.77
N ASN A 35 -6.30 -12.04 33.72
CA ASN A 35 -7.30 -13.10 33.85
C ASN A 35 -6.71 -14.50 33.78
N ASN A 36 -5.45 -14.64 33.34
CA ASN A 36 -4.86 -15.96 33.12
C ASN A 36 -3.35 -15.81 33.24
N LEU A 37 -2.80 -16.17 34.42
CA LEU A 37 -1.37 -15.97 34.64
C LEU A 37 -0.52 -16.82 33.69
N LYS A 38 -0.99 -18.03 33.35
CA LYS A 38 -0.17 -18.88 32.48
C LYS A 38 -0.12 -18.32 31.07
N ARG A 39 -1.28 -17.95 30.50
CA ARG A 39 -1.28 -17.43 29.14
C ARG A 39 -0.67 -16.04 29.06
N ALA A 40 -0.70 -15.27 30.17
CA ALA A 40 0.00 -14.00 30.19
C ALA A 40 1.49 -14.18 29.93
N ASN A 41 2.05 -15.33 30.29
CA ASN A 41 3.46 -15.61 30.10
C ASN A 41 3.74 -16.57 28.94
N GLN A 42 2.73 -16.90 28.14
CA GLN A 42 2.92 -17.71 26.95
C GLN A 42 3.30 -16.80 25.78
N ALA A 43 4.32 -17.21 25.03
CA ALA A 43 4.92 -16.36 24.00
C ALA A 43 4.39 -16.74 22.63
N PHE A 44 3.96 -15.73 21.87
CA PHE A 44 3.45 -15.93 20.53
C PHE A 44 4.23 -15.08 19.54
N LEU A 45 4.02 -15.36 18.26
CA LEU A 45 4.54 -14.49 17.22
C LEU A 45 3.98 -13.09 17.43
N PRO A 46 4.83 -12.05 17.41
CA PRO A 46 4.31 -10.69 17.62
C PRO A 46 3.50 -10.16 16.45
N ALA A 47 3.69 -10.68 15.24
CA ALA A 47 3.00 -10.17 14.07
C ALA A 47 3.18 -8.65 14.00
N SER A 48 2.11 -7.90 13.70
CA SER A 48 2.24 -6.48 13.44
C SER A 48 2.51 -5.66 14.70
N THR A 49 2.44 -6.23 15.90
CA THR A 49 2.91 -5.49 17.07
C THR A 49 4.40 -5.26 17.01
N PHE A 50 5.12 -6.00 16.17
CA PHE A 50 6.56 -5.80 16.00
C PHE A 50 6.84 -4.48 15.26
N KCX A 51 5.81 -3.88 14.69
CA KCX A 51 5.99 -2.61 13.99
CB KCX A 51 4.71 -2.23 13.23
CG KCX A 51 4.53 -3.01 11.93
CD KCX A 51 3.25 -2.59 11.19
CE KCX A 51 3.12 -3.31 9.85
NZ KCX A 51 2.85 -4.77 10.01
C KCX A 51 6.39 -1.49 14.94
O KCX A 51 6.86 -0.44 14.50
CX KCX A 51 3.84 -5.66 9.93
OQ1 KCX A 51 3.57 -6.86 10.06
OQ2 KCX A 51 5.00 -5.30 9.71
N ILE A 52 6.24 -1.71 16.24
CA ILE A 52 6.68 -0.74 17.24
C ILE A 52 8.21 -0.73 17.31
N PRO A 53 8.83 -1.87 17.67
CA PRO A 53 10.30 -1.89 17.69
C PRO A 53 10.92 -1.67 16.33
N ASN A 54 10.28 -2.20 15.27
CA ASN A 54 10.80 -1.99 13.92
C ASN A 54 10.85 -0.51 13.58
N SER A 55 9.80 0.23 13.94
CA SER A 55 9.79 1.67 13.72
C SER A 55 10.94 2.34 14.46
N LEU A 56 11.14 1.99 15.74
CA LEU A 56 12.21 2.58 16.53
C LEU A 56 13.57 2.36 15.86
N ILE A 57 13.88 1.13 15.49
CA ILE A 57 15.18 0.81 14.91
C ILE A 57 15.35 1.56 13.60
N ALA A 58 14.32 1.54 12.75
CA ALA A 58 14.41 2.22 11.46
C ALA A 58 14.66 3.71 11.64
N LEU A 59 13.99 4.33 12.61
CA LEU A 59 14.17 5.77 12.85
C LEU A 59 15.56 6.05 13.41
N ASP A 60 16.02 5.25 14.37
CA ASP A 60 17.28 5.55 15.04
C ASP A 60 18.47 5.31 14.12
N LEU A 61 18.34 4.42 13.13
CA LEU A 61 19.41 4.15 12.19
C LEU A 61 19.38 5.04 10.96
N GLY A 62 18.32 5.84 10.80
CA GLY A 62 18.20 6.71 9.65
C GLY A 62 17.52 6.10 8.45
N VAL A 63 17.08 4.85 8.53
CA VAL A 63 16.30 4.26 7.45
C VAL A 63 15.05 5.08 7.20
N VAL A 64 14.42 5.55 8.28
CA VAL A 64 13.29 6.48 8.20
C VAL A 64 13.76 7.80 8.78
N LYS A 65 13.72 8.85 7.97
CA LYS A 65 14.20 10.16 8.42
C LYS A 65 13.22 10.82 9.38
N ASP A 66 11.93 10.76 9.09
CA ASP A 66 10.92 11.31 9.99
C ASP A 66 9.57 10.71 9.62
N GLU A 67 8.53 11.15 10.34
CA GLU A 67 7.20 10.61 10.18
C GLU A 67 6.49 11.11 8.92
N HIS A 68 7.09 12.04 8.17
CA HIS A 68 6.50 12.53 6.93
C HIS A 68 7.06 11.84 5.70
N GLN A 69 8.20 11.17 5.80
CA GLN A 69 8.82 10.53 4.64
C GLN A 69 7.85 9.56 3.98
N VAL A 70 7.74 9.67 2.66
CA VAL A 70 6.80 8.86 1.90
C VAL A 70 7.51 7.59 1.41
N PHE A 71 6.87 6.45 1.62
CA PHE A 71 7.33 5.17 1.10
C PHE A 71 6.31 4.71 0.06
N LYS A 72 6.68 4.84 -1.20
CA LYS A 72 5.73 4.69 -2.29
C LYS A 72 5.34 3.24 -2.50
N TRP A 73 4.06 3.03 -2.81
CA TRP A 73 3.56 1.72 -3.23
C TRP A 73 4.41 1.18 -4.37
N ASP A 74 4.73 -0.11 -4.30
CA ASP A 74 5.55 -0.76 -5.31
C ASP A 74 4.75 -1.20 -6.54
N GLY A 75 3.47 -0.85 -6.61
CA GLY A 75 2.64 -1.16 -7.75
C GLY A 75 2.02 -2.53 -7.77
N GLN A 76 2.38 -3.41 -6.83
CA GLN A 76 1.82 -4.76 -6.78
C GLN A 76 0.53 -4.75 -5.97
N THR A 77 -0.58 -5.06 -6.64
CA THR A 77 -1.89 -5.07 -6.00
C THR A 77 -1.99 -6.22 -5.00
N ARG A 78 -2.27 -5.87 -3.75
CA ARG A 78 -2.50 -6.85 -2.71
C ARG A 78 -3.96 -6.80 -2.28
N ASP A 79 -4.39 -7.81 -1.52
CA ASP A 79 -5.80 -7.97 -1.22
C ASP A 79 -6.33 -6.94 -0.22
N ILE A 80 -5.45 -6.19 0.44
CA ILE A 80 -5.88 -5.15 1.38
C ILE A 80 -5.75 -3.82 0.67
N ALA A 81 -6.88 -3.14 0.47
CA ALA A 81 -6.90 -1.94 -0.35
C ALA A 81 -5.97 -0.85 0.20
N THR A 82 -6.10 -0.56 1.50
N THR A 82 -6.09 -0.56 1.50
CA THR A 82 -5.30 0.51 2.09
CA THR A 82 -5.30 0.51 2.09
C THR A 82 -3.80 0.30 1.93
C THR A 82 -3.80 0.30 1.92
N TRP A 83 -3.36 -0.91 1.58
CA TRP A 83 -1.95 -1.15 1.33
C TRP A 83 -1.53 -0.68 -0.05
N ASN A 84 -2.46 -0.56 -0.99
CA ASN A 84 -2.16 -0.19 -2.37
C ASN A 84 -2.17 1.33 -2.55
N ARG A 85 -1.27 1.99 -1.82
CA ARG A 85 -1.17 3.44 -1.86
C ARG A 85 0.13 3.84 -1.18
N ASP A 86 0.47 5.13 -1.29
CA ASP A 86 1.61 5.67 -0.59
C ASP A 86 1.34 5.75 0.90
N HIS A 87 2.40 5.65 1.70
CA HIS A 87 2.29 5.69 3.15
C HIS A 87 3.47 6.44 3.74
N ASN A 88 3.24 6.99 4.92
CA ASN A 88 4.29 7.45 5.81
C ASN A 88 4.24 6.61 7.08
N LEU A 89 5.13 6.91 8.03
CA LEU A 89 5.20 6.11 9.25
C LEU A 89 3.83 6.06 9.94
N ILE A 90 3.12 7.18 9.97
CA ILE A 90 1.83 7.24 10.66
C ILE A 90 0.84 6.29 10.00
N THR A 91 0.62 6.45 8.69
CA THR A 91 -0.39 5.67 8.01
C THR A 91 0.04 4.21 7.85
N ALA A 92 1.33 3.96 7.70
CA ALA A 92 1.81 2.58 7.62
C ALA A 92 1.51 1.84 8.92
N MET A 93 1.70 2.52 10.06
N MET A 93 1.66 2.53 10.06
CA MET A 93 1.29 1.96 11.35
CA MET A 93 1.29 1.90 11.33
C MET A 93 -0.22 1.80 11.41
C MET A 93 -0.22 1.82 11.47
N LYS A 94 -0.95 2.86 11.04
CA LYS A 94 -2.40 2.85 11.18
C LYS A 94 -3.03 1.66 10.45
N TYR A 95 -2.52 1.34 9.27
CA TYR A 95 -3.10 0.30 8.43
C TYR A 95 -2.25 -0.98 8.41
N SER A 96 -1.28 -1.10 9.30
N SER A 96 -1.28 -1.09 9.30
CA SER A 96 -0.43 -2.29 9.40
CA SER A 96 -0.42 -2.27 9.41
C SER A 96 0.06 -2.74 8.03
C SER A 96 0.05 -2.72 8.03
N VAL A 97 0.70 -1.80 7.32
CA VAL A 97 1.16 -2.04 5.96
C VAL A 97 2.43 -2.90 5.99
N VAL A 98 2.25 -4.22 5.88
CA VAL A 98 3.38 -5.14 5.96
C VAL A 98 4.47 -4.79 4.96
N PRO A 99 4.19 -4.64 3.66
CA PRO A 99 5.30 -4.45 2.71
C PRO A 99 6.18 -3.26 3.01
N VAL A 100 5.64 -2.20 3.61
CA VAL A 100 6.47 -1.05 3.99
C VAL A 100 7.51 -1.49 5.02
N TYR A 101 7.07 -2.19 6.07
CA TYR A 101 7.97 -2.59 7.13
C TYR A 101 8.91 -3.71 6.72
N GLN A 102 8.56 -4.49 5.70
CA GLN A 102 9.51 -5.44 5.15
C GLN A 102 10.70 -4.72 4.53
N GLU A 103 10.44 -3.59 3.85
CA GLU A 103 11.54 -2.82 3.28
C GLU A 103 12.41 -2.20 4.36
N PHE A 104 11.80 -1.71 5.44
CA PHE A 104 12.59 -1.26 6.59
C PHE A 104 13.53 -2.36 7.06
N ALA A 105 13.00 -3.56 7.28
CA ALA A 105 13.81 -4.65 7.80
C ALA A 105 14.97 -4.97 6.86
N ARG A 106 14.71 -4.99 5.56
CA ARG A 106 15.77 -5.29 4.61
C ARG A 106 16.92 -4.30 4.72
N GLN A 107 16.59 -3.01 4.86
CA GLN A 107 17.62 -1.98 4.98
C GLN A 107 18.29 -2.01 6.35
N ILE A 108 17.54 -2.36 7.40
CA ILE A 108 18.15 -2.51 8.72
C ILE A 108 19.22 -3.60 8.68
N GLY A 109 18.87 -4.76 8.17
CA GLY A 109 19.82 -5.86 8.07
C GLY A 109 19.76 -6.80 9.26
N GLU A 110 20.16 -8.05 9.02
CA GLU A 110 20.13 -9.07 10.06
C GLU A 110 20.93 -8.64 11.28
N ALA A 111 22.19 -8.25 11.08
CA ALA A 111 23.07 -7.97 12.20
C ALA A 111 22.50 -6.88 13.11
N ARG A 112 22.13 -5.74 12.54
CA ARG A 112 21.65 -4.63 13.36
C ARG A 112 20.29 -4.93 13.96
N MET A 113 19.43 -5.67 13.26
CA MET A 113 18.13 -6.02 13.82
C MET A 113 18.30 -6.84 15.09
N SER A 114 19.15 -7.88 15.03
CA SER A 114 19.39 -8.71 16.21
C SER A 114 19.99 -7.90 17.35
N LYS A 115 21.04 -7.14 17.06
CA LYS A 115 21.69 -6.32 18.08
C LYS A 115 20.68 -5.46 18.83
N MET A 116 19.71 -4.89 18.11
CA MET A 116 18.80 -3.93 18.72
C MET A 116 17.72 -4.63 19.55
N LEU A 117 17.24 -5.79 19.10
CA LEU A 117 16.24 -6.51 19.87
C LEU A 117 16.79 -6.97 21.21
N HIS A 118 18.08 -7.28 21.27
CA HIS A 118 18.70 -7.62 22.55
C HIS A 118 18.83 -6.38 23.44
N ALA A 119 19.18 -5.23 22.84
CA ALA A 119 19.23 -3.99 23.61
C ALA A 119 17.86 -3.63 24.16
N PHE A 120 16.80 -3.91 23.38
CA PHE A 120 15.43 -3.68 23.82
C PHE A 120 14.94 -4.70 24.84
N ASP A 121 15.66 -5.81 25.01
CA ASP A 121 15.18 -6.91 25.86
C ASP A 121 13.84 -7.42 25.35
N TYR A 122 13.68 -7.43 24.03
CA TYR A 122 12.39 -7.70 23.39
C TYR A 122 12.19 -9.20 23.21
N GLY A 123 11.30 -9.78 24.01
CA GLY A 123 10.92 -11.17 23.84
C GLY A 123 12.11 -12.11 23.90
N ASN A 124 12.08 -13.13 23.05
CA ASN A 124 13.16 -14.10 22.98
C ASN A 124 14.32 -13.62 22.11
N GLU A 125 14.22 -12.43 21.53
CA GLU A 125 15.33 -11.79 20.82
C GLU A 125 15.85 -12.65 19.67
N ASP A 126 15.04 -13.56 19.16
CA ASP A 126 15.45 -14.47 18.09
C ASP A 126 14.82 -14.02 16.78
N ILE A 127 15.66 -13.73 15.79
CA ILE A 127 15.19 -13.28 14.49
C ILE A 127 15.37 -14.38 13.43
N SER A 128 15.51 -15.64 13.86
CA SER A 128 15.73 -16.72 12.92
C SER A 128 14.64 -16.75 11.86
N GLY A 129 15.06 -16.90 10.61
CA GLY A 129 14.14 -16.86 9.48
C GLY A 129 14.56 -15.79 8.49
N ASN A 130 13.65 -15.40 7.59
CA ASN A 130 13.94 -14.30 6.68
C ASN A 130 13.87 -12.97 7.41
N VAL A 131 14.84 -12.10 7.12
CA VAL A 131 14.91 -10.81 7.80
C VAL A 131 13.66 -9.96 7.55
N ASP A 132 12.93 -10.22 6.46
CA ASP A 132 11.79 -9.40 6.09
C ASP A 132 10.45 -10.07 6.39
N SER A 133 10.44 -11.10 7.23
CA SER A 133 9.19 -11.75 7.59
C SER A 133 9.29 -12.56 8.88
N PHE A 134 10.42 -12.45 9.59
CA PHE A 134 10.62 -13.31 10.75
C PHE A 134 9.57 -13.06 11.83
N TRP A 135 9.07 -11.82 11.92
CA TRP A 135 8.03 -11.51 12.89
C TRP A 135 6.67 -12.06 12.50
N LEU A 136 6.53 -12.60 11.28
CA LEU A 136 5.31 -13.24 10.85
C LEU A 136 5.42 -14.77 10.79
N ASP A 137 6.60 -15.31 10.44
CA ASP A 137 6.75 -16.75 10.36
C ASP A 137 8.16 -17.21 10.73
N GLY A 138 8.90 -16.42 11.49
CA GLY A 138 10.22 -16.78 11.96
C GLY A 138 10.22 -17.25 13.40
N GLY A 139 11.35 -17.05 14.08
CA GLY A 139 11.53 -17.57 15.41
C GLY A 139 11.27 -16.61 16.55
N ILE A 140 10.90 -15.36 16.26
CA ILE A 140 10.73 -14.39 17.33
C ILE A 140 9.43 -14.68 18.08
N ARG A 141 9.50 -14.58 19.40
CA ARG A 141 8.36 -14.82 20.28
C ARG A 141 8.36 -13.81 21.41
N ILE A 142 7.16 -13.41 21.84
CA ILE A 142 7.01 -12.47 22.94
C ILE A 142 5.67 -12.73 23.61
N SER A 143 5.64 -12.61 24.93
CA SER A 143 4.43 -12.80 25.73
C SER A 143 3.76 -11.47 26.02
N ALA A 144 2.55 -11.57 26.57
CA ALA A 144 1.82 -10.36 26.96
C ALA A 144 2.56 -9.58 28.03
N THR A 145 3.11 -10.27 29.03
CA THR A 145 3.85 -9.56 30.08
C THR A 145 5.15 -8.98 29.56
N GLU A 146 5.76 -9.60 28.55
CA GLU A 146 6.97 -9.05 27.96
C GLU A 146 6.66 -7.84 27.08
N GLN A 147 5.49 -7.82 26.44
CA GLN A 147 5.10 -6.64 25.69
C GLN A 147 4.99 -5.43 26.60
N ILE A 148 4.38 -5.61 27.78
CA ILE A 148 4.21 -4.51 28.70
C ILE A 148 5.55 -4.02 29.25
N SER A 149 6.46 -4.96 29.54
CA SER A 149 7.81 -4.55 29.95
C SER A 149 8.42 -3.62 28.92
N PHE A 150 8.31 -4.00 27.64
CA PHE A 150 8.84 -3.20 26.56
C PHE A 150 8.13 -1.86 26.44
N LEU A 151 6.80 -1.86 26.53
CA LEU A 151 6.04 -0.63 26.38
C LEU A 151 6.37 0.37 27.49
N ARG A 152 6.57 -0.11 28.71
CA ARG A 152 6.88 0.80 29.81
C ARG A 152 8.20 1.52 29.56
N LYS A 153 9.20 0.80 29.04
CA LYS A 153 10.46 1.46 28.69
C LYS A 153 10.23 2.52 27.62
N LEU A 154 9.38 2.24 26.63
CA LEU A 154 9.09 3.22 25.59
C LEU A 154 8.40 4.45 26.17
N TYR A 155 7.44 4.24 27.08
CA TYR A 155 6.71 5.36 27.64
C TYR A 155 7.64 6.32 28.38
N HIS A 156 8.63 5.79 29.11
CA HIS A 156 9.55 6.60 29.86
C HIS A 156 10.78 7.00 29.05
N ASN A 157 10.79 6.75 27.74
CA ASN A 157 11.93 7.09 26.89
C ASN A 157 13.22 6.43 27.39
N LYS A 158 13.08 5.21 27.93
CA LYS A 158 14.20 4.49 28.54
C LYS A 158 14.82 3.45 27.62
N LEU A 159 14.24 3.20 26.44
CA LEU A 159 14.85 2.29 25.49
C LEU A 159 16.17 2.87 24.97
N HIS A 160 17.06 1.99 24.54
CA HIS A 160 18.40 2.39 24.11
C HIS A 160 18.36 2.88 22.66
N VAL A 161 17.53 3.90 22.45
CA VAL A 161 17.51 4.70 21.23
C VAL A 161 17.27 6.14 21.64
N SER A 162 17.36 7.04 20.67
CA SER A 162 17.20 8.46 20.96
C SER A 162 15.80 8.76 21.49
N GLU A 163 15.70 9.81 22.30
CA GLU A 163 14.38 10.28 22.74
C GLU A 163 13.51 10.64 21.54
N ARG A 164 14.12 11.26 20.51
CA ARG A 164 13.36 11.62 19.32
C ARG A 164 12.70 10.38 18.70
N SER A 165 13.48 9.31 18.49
CA SER A 165 12.92 8.10 17.90
C SER A 165 11.72 7.60 18.70
N GLN A 166 11.84 7.60 20.03
CA GLN A 166 10.76 7.07 20.85
C GLN A 166 9.54 7.99 20.83
N ARG A 167 9.74 9.32 20.85
CA ARG A 167 8.62 10.23 20.77
C ARG A 167 7.87 10.06 19.45
N ILE A 168 8.60 9.93 18.34
CA ILE A 168 7.95 9.77 17.05
C ILE A 168 7.09 8.51 17.02
N VAL A 169 7.63 7.40 17.53
CA VAL A 169 6.89 6.14 17.50
C VAL A 169 5.66 6.22 18.40
N LYS A 170 5.79 6.89 19.55
CA LYS A 170 4.62 7.07 20.41
C LYS A 170 3.57 7.93 19.74
N GLN A 171 3.99 8.90 18.92
CA GLN A 171 3.04 9.64 18.09
C GLN A 171 2.36 8.71 17.10
N ALA A 172 3.14 7.86 16.42
CA ALA A 172 2.57 6.97 15.42
C ALA A 172 1.62 5.96 16.04
N MET A 173 1.81 5.63 17.33
CA MET A 173 0.93 4.69 18.01
C MET A 173 -0.42 5.28 18.36
N LEU A 174 -0.60 6.59 18.19
CA LEU A 174 -1.84 7.25 18.60
C LEU A 174 -3.05 6.60 17.94
N THR A 175 -3.99 6.14 18.76
CA THR A 175 -5.16 5.42 18.30
C THR A 175 -6.47 6.13 18.61
N GLU A 176 -6.62 6.68 19.81
CA GLU A 176 -7.88 7.29 20.20
C GLU A 176 -7.60 8.36 21.25
N ALA A 177 -8.39 9.44 21.21
CA ALA A 177 -8.22 10.52 22.16
C ALA A 177 -9.53 11.28 22.28
N ASN A 178 -9.89 11.62 23.52
CA ASN A 178 -11.05 12.47 23.80
C ASN A 178 -10.82 13.15 25.15
N GLY A 179 -11.87 13.73 25.70
CA GLY A 179 -11.75 14.45 26.96
C GLY A 179 -11.48 13.58 28.16
N ASP A 180 -11.60 12.25 28.01
CA ASP A 180 -11.46 11.33 29.14
C ASP A 180 -10.16 10.55 29.15
N TYR A 181 -9.62 10.18 27.98
CA TYR A 181 -8.43 9.35 27.95
C TYR A 181 -7.76 9.45 26.59
N ILE A 182 -6.51 8.99 26.55
CA ILE A 182 -5.75 8.85 25.32
C ILE A 182 -5.24 7.42 25.25
N ILE A 183 -5.37 6.79 24.09
CA ILE A 183 -4.91 5.42 23.87
C ILE A 183 -3.86 5.44 22.78
N ARG A 184 -2.67 4.91 23.09
CA ARG A 184 -1.62 4.67 22.12
C ARG A 184 -1.36 3.16 22.11
N ALA A 185 -1.48 2.54 20.93
CA ALA A 185 -1.50 1.09 20.87
C ALA A 185 -1.18 0.64 19.45
N LYS A 186 -1.03 -0.69 19.30
CA LYS A 186 -0.78 -1.30 18.00
C LYS A 186 -1.44 -2.67 17.97
N THR A 187 -2.12 -2.96 16.86
CA THR A 187 -2.79 -4.25 16.67
C THR A 187 -1.83 -5.27 16.06
N GLY A 188 -2.24 -6.54 16.14
CA GLY A 188 -1.45 -7.62 15.56
C GLY A 188 -2.35 -8.77 15.18
N TYR A 189 -1.94 -9.50 14.14
CA TYR A 189 -2.73 -10.61 13.61
C TYR A 189 -1.76 -11.67 13.09
N SER A 190 -1.56 -12.73 13.87
CA SER A 190 -0.67 -13.82 13.52
C SER A 190 -1.48 -14.98 12.93
N THR A 191 -1.20 -15.33 11.67
CA THR A 191 -1.95 -16.38 10.99
C THR A 191 -1.09 -17.53 10.45
N ARG A 192 0.22 -17.34 10.31
CA ARG A 192 1.03 -18.30 9.56
C ARG A 192 1.44 -19.52 10.39
N ILE A 193 1.38 -19.43 11.71
CA ILE A 193 1.69 -20.54 12.60
C ILE A 193 0.61 -20.63 13.65
N GLU A 194 0.17 -21.85 13.95
CA GLU A 194 -0.87 -22.04 14.93
C GLU A 194 -0.31 -21.82 16.34
N PRO A 195 -1.14 -21.34 17.28
CA PRO A 195 -2.54 -20.95 17.05
C PRO A 195 -2.65 -19.53 16.48
N LYS A 196 -3.57 -19.32 15.55
CA LYS A 196 -3.81 -17.98 15.05
C LYS A 196 -4.36 -17.11 16.18
N ILE A 197 -3.80 -15.91 16.34
CA ILE A 197 -4.16 -15.03 17.43
C ILE A 197 -4.18 -13.59 16.95
N GLY A 198 -4.90 -12.76 17.70
CA GLY A 198 -4.91 -11.32 17.50
C GLY A 198 -4.30 -10.64 18.71
N TRP A 199 -3.61 -9.52 18.46
CA TRP A 199 -2.94 -8.75 19.50
C TRP A 199 -3.57 -7.38 19.63
N TRP A 200 -3.50 -6.82 20.84
CA TRP A 200 -3.63 -5.37 21.02
C TRP A 200 -2.84 -4.99 22.25
N VAL A 201 -1.79 -4.20 22.05
CA VAL A 201 -0.90 -3.79 23.13
C VAL A 201 -0.74 -2.28 23.08
N GLY A 202 -0.63 -1.68 24.26
CA GLY A 202 -0.47 -0.24 24.35
C GLY A 202 -0.66 0.25 25.77
N TRP A 203 -1.19 1.46 25.90
CA TRP A 203 -1.49 2.00 27.21
C TRP A 203 -2.59 3.05 27.11
N VAL A 204 -3.19 3.34 28.25
CA VAL A 204 -4.25 4.34 28.37
C VAL A 204 -3.71 5.46 29.24
N GLU A 205 -3.69 6.68 28.69
CA GLU A 205 -3.23 7.85 29.43
C GLU A 205 -4.41 8.55 30.08
N LEU A 206 -4.33 8.74 31.39
CA LEU A 206 -5.30 9.54 32.14
C LEU A 206 -4.63 10.80 32.66
N ASP A 207 -5.44 11.68 33.24
CA ASP A 207 -4.91 12.93 33.77
C ASP A 207 -3.75 12.69 34.74
N ASP A 208 -3.87 11.66 35.59
CA ASP A 208 -2.92 11.47 36.69
C ASP A 208 -2.47 10.03 36.82
N ASN A 209 -2.50 9.25 35.73
CA ASN A 209 -2.05 7.87 35.78
C ASN A 209 -2.05 7.32 34.37
N VAL A 210 -1.31 6.22 34.17
N VAL A 210 -1.30 6.23 34.18
CA VAL A 210 -1.26 5.54 32.89
CA VAL A 210 -1.23 5.52 32.90
C VAL A 210 -1.47 4.05 33.14
C VAL A 210 -1.50 4.04 33.18
N TRP A 211 -2.33 3.44 32.34
CA TRP A 211 -2.64 2.02 32.41
C TRP A 211 -2.11 1.33 31.16
N PHE A 212 -1.04 0.56 31.31
CA PHE A 212 -0.53 -0.23 30.22
C PHE A 212 -1.37 -1.49 30.06
N PHE A 213 -1.54 -1.93 28.81
CA PHE A 213 -2.31 -3.13 28.54
C PHE A 213 -1.66 -3.91 27.41
N ALA A 214 -1.83 -5.23 27.47
CA ALA A 214 -1.46 -6.13 26.38
C ALA A 214 -2.43 -7.29 26.41
N MET A 215 -3.00 -7.62 25.26
CA MET A 215 -3.97 -8.70 25.16
C MET A 215 -3.69 -9.50 23.90
N ASN A 216 -3.97 -10.81 23.99
CA ASN A 216 -4.05 -11.62 22.79
C ASN A 216 -5.18 -12.63 22.97
N MET A 217 -5.68 -13.13 21.84
CA MET A 217 -6.82 -14.03 21.85
C MET A 217 -6.76 -14.90 20.60
N ASP A 218 -7.31 -16.10 20.70
CA ASP A 218 -7.43 -16.97 19.54
C ASP A 218 -8.28 -16.28 18.48
N MET A 219 -7.87 -16.40 17.22
CA MET A 219 -8.50 -15.70 16.11
C MET A 219 -8.59 -16.65 14.93
N PRO A 220 -9.54 -17.61 14.99
CA PRO A 220 -9.65 -18.59 13.90
C PRO A 220 -10.00 -17.97 12.56
N THR A 221 -10.70 -16.83 12.56
CA THR A 221 -11.04 -16.13 11.33
C THR A 221 -10.89 -14.62 11.57
N SER A 222 -10.75 -13.88 10.47
CA SER A 222 -10.63 -12.43 10.57
C SER A 222 -11.91 -11.78 11.06
N ASP A 223 -13.03 -12.51 11.11
CA ASP A 223 -14.31 -11.92 11.47
C ASP A 223 -14.30 -11.37 12.89
N GLY A 224 -13.48 -11.92 13.78
CA GLY A 224 -13.45 -11.50 15.16
C GLY A 224 -12.39 -10.48 15.52
N LEU A 225 -11.75 -9.86 14.53
CA LEU A 225 -10.65 -8.94 14.83
C LEU A 225 -11.11 -7.78 15.68
N GLY A 226 -12.34 -7.31 15.46
CA GLY A 226 -12.88 -6.22 16.25
C GLY A 226 -12.99 -6.53 17.73
N LEU A 227 -12.98 -7.82 18.09
CA LEU A 227 -13.06 -8.19 19.50
C LEU A 227 -11.80 -7.84 20.27
N ARG A 228 -10.67 -7.65 19.57
CA ARG A 228 -9.45 -7.26 20.25
C ARG A 228 -9.65 -5.96 21.04
N GLN A 229 -10.20 -4.93 20.39
CA GLN A 229 -10.44 -3.67 21.06
C GLN A 229 -11.67 -3.73 21.96
N ALA A 230 -12.71 -4.45 21.51
CA ALA A 230 -13.96 -4.49 22.27
C ALA A 230 -13.77 -5.15 23.63
N ILE A 231 -13.13 -6.32 23.65
CA ILE A 231 -12.92 -7.02 24.91
C ILE A 231 -12.04 -6.19 25.84
N THR A 232 -10.96 -5.61 25.30
CA THR A 232 -10.08 -4.78 26.13
C THR A 232 -10.85 -3.63 26.75
N LYS A 233 -11.66 -2.94 25.96
CA LYS A 233 -12.40 -1.80 26.48
C LYS A 233 -13.45 -2.22 27.51
N GLU A 234 -14.00 -3.43 27.36
CA GLU A 234 -14.95 -3.92 28.35
C GLU A 234 -14.27 -4.18 29.69
N VAL A 235 -13.01 -4.64 29.66
CA VAL A 235 -12.24 -4.78 30.90
C VAL A 235 -11.94 -3.42 31.49
N LEU A 236 -11.46 -2.48 30.67
CA LEU A 236 -11.20 -1.13 31.15
C LEU A 236 -12.45 -0.51 31.77
N LYS A 237 -13.58 -0.63 31.08
CA LYS A 237 -14.83 -0.12 31.62
C LYS A 237 -15.16 -0.78 32.94
N GLN A 238 -15.06 -2.11 32.99
CA GLN A 238 -15.36 -2.84 34.23
C GLN A 238 -14.50 -2.32 35.38
N GLU A 239 -13.21 -2.11 35.12
CA GLU A 239 -12.29 -1.60 36.12
C GLU A 239 -12.39 -0.10 36.31
N LYS A 240 -13.34 0.55 35.65
CA LYS A 240 -13.57 2.00 35.81
C LYS A 240 -12.35 2.81 35.39
N ILE A 241 -11.54 2.26 34.48
CA ILE A 241 -10.42 3.02 33.93
C ILE A 241 -10.92 3.99 32.88
N ILE A 242 -11.96 3.64 32.15
CA ILE A 242 -12.60 4.53 31.18
C ILE A 242 -14.10 4.47 31.43
N PRO A 243 -14.87 5.52 31.10
CA PRO A 243 -16.32 5.47 31.32
C PRO A 243 -17.01 4.42 30.45
N LYS B 1 3.21 -21.93 -37.37
CA LYS B 1 4.23 -20.88 -37.38
C LYS B 1 3.60 -19.51 -37.17
N GLU B 2 2.85 -19.38 -36.07
CA GLU B 2 2.16 -18.12 -35.81
C GLU B 2 3.09 -17.09 -35.16
N TRP B 3 4.12 -17.53 -34.45
CA TRP B 3 5.11 -16.64 -33.88
C TRP B 3 6.51 -17.16 -34.20
N GLN B 4 7.45 -16.22 -34.36
CA GLN B 4 8.82 -16.55 -34.69
C GLN B 4 9.76 -15.60 -33.95
N GLU B 5 10.86 -16.13 -33.46
CA GLU B 5 11.88 -15.35 -32.76
C GLU B 5 13.03 -15.05 -33.71
N ASN B 6 13.43 -13.79 -33.78
CA ASN B 6 14.53 -13.34 -34.64
C ASN B 6 15.55 -12.61 -33.76
N LYS B 7 16.58 -13.34 -33.31
CA LYS B 7 17.59 -12.75 -32.43
C LYS B 7 18.56 -11.84 -33.16
N SER B 8 18.54 -11.80 -34.49
CA SER B 8 19.41 -10.85 -35.21
C SER B 8 19.09 -9.42 -34.81
N TRP B 9 17.83 -9.14 -34.45
CA TRP B 9 17.45 -7.79 -34.06
C TRP B 9 18.15 -7.35 -32.77
N ASN B 10 18.62 -8.30 -31.96
CA ASN B 10 19.30 -7.93 -30.72
C ASN B 10 20.50 -7.03 -30.97
N ALA B 11 21.10 -7.12 -32.16
CA ALA B 11 22.23 -6.26 -32.49
C ALA B 11 21.84 -4.79 -32.40
N HIS B 12 20.60 -4.46 -32.77
CA HIS B 12 20.13 -3.08 -32.73
C HIS B 12 19.97 -2.56 -31.30
N PHE B 13 19.83 -3.46 -30.33
CA PHE B 13 19.82 -3.04 -28.93
C PHE B 13 21.24 -2.92 -28.38
N THR B 14 22.06 -3.94 -28.61
CA THR B 14 23.43 -3.92 -28.09
C THR B 14 24.24 -2.81 -28.75
N GLU B 15 23.90 -2.42 -29.98
CA GLU B 15 24.57 -1.29 -30.63
C GLU B 15 24.49 -0.05 -29.76
N HIS B 16 23.36 0.18 -29.09
CA HIS B 16 23.13 1.36 -28.28
C HIS B 16 23.17 1.08 -26.78
N LYS B 17 23.79 -0.02 -26.37
CA LYS B 17 23.90 -0.39 -24.95
C LYS B 17 22.52 -0.34 -24.29
N SER B 18 21.53 -0.93 -24.95
CA SER B 18 20.17 -0.95 -24.48
C SER B 18 19.66 -2.39 -24.44
N GLN B 19 18.55 -2.60 -23.75
CA GLN B 19 17.86 -3.87 -23.76
C GLN B 19 16.37 -3.61 -23.88
N GLY B 20 15.69 -4.45 -24.65
CA GLY B 20 14.27 -4.27 -24.86
C GLY B 20 13.75 -5.27 -25.86
N VAL B 21 12.48 -5.11 -26.21
CA VAL B 21 11.80 -6.03 -27.12
C VAL B 21 11.12 -5.23 -28.21
N VAL B 22 11.11 -5.78 -29.43
N VAL B 22 11.14 -5.77 -29.43
CA VAL B 22 10.36 -5.24 -30.54
CA VAL B 22 10.37 -5.25 -30.56
C VAL B 22 9.49 -6.35 -31.10
C VAL B 22 9.48 -6.38 -31.06
N VAL B 23 8.20 -6.08 -31.24
CA VAL B 23 7.22 -7.05 -31.73
C VAL B 23 6.60 -6.50 -33.00
N LEU B 24 6.57 -7.31 -34.05
CA LEU B 24 5.93 -6.96 -35.30
C LEU B 24 4.83 -7.98 -35.59
N TRP B 25 3.76 -7.51 -36.24
CA TRP B 25 2.66 -8.38 -36.64
C TRP B 25 2.30 -8.09 -38.09
N ASN B 26 2.40 -9.11 -38.93
CA ASN B 26 2.03 -9.02 -40.34
C ASN B 26 0.53 -9.33 -40.45
N GLU B 27 -0.26 -8.31 -40.75
CA GLU B 27 -1.71 -8.49 -40.76
C GLU B 27 -2.16 -9.41 -41.90
N ASN B 28 -1.59 -9.24 -43.09
CA ASN B 28 -1.96 -10.10 -44.21
C ASN B 28 -1.66 -11.57 -43.91
N LYS B 29 -0.47 -11.84 -43.40
CA LYS B 29 0.01 -13.19 -43.17
C LYS B 29 -0.37 -13.72 -41.80
N GLN B 30 -0.91 -12.87 -40.92
CA GLN B 30 -1.30 -13.27 -39.57
C GLN B 30 -0.14 -13.96 -38.86
N GLN B 31 1.04 -13.35 -38.94
CA GLN B 31 2.25 -13.89 -38.35
C GLN B 31 2.94 -12.80 -37.55
N GLY B 32 3.49 -13.17 -36.40
CA GLY B 32 4.20 -12.24 -35.55
C GLY B 32 5.68 -12.53 -35.48
N PHE B 33 6.48 -11.51 -35.18
CA PHE B 33 7.93 -11.63 -35.13
C PHE B 33 8.45 -10.78 -33.99
N THR B 34 9.45 -11.31 -33.27
CA THR B 34 10.05 -10.58 -32.17
C THR B 34 11.45 -11.10 -31.91
N ASN B 35 12.25 -10.28 -31.23
CA ASN B 35 13.60 -10.68 -30.83
C ASN B 35 13.61 -11.41 -29.50
N ASN B 36 12.53 -11.34 -28.72
CA ASN B 36 12.53 -11.90 -27.37
C ASN B 36 11.08 -12.26 -27.03
N LEU B 37 10.74 -13.54 -27.22
CA LEU B 37 9.37 -13.99 -26.95
C LEU B 37 9.00 -13.82 -25.48
N LYS B 38 9.98 -13.94 -24.59
CA LYS B 38 9.73 -13.81 -23.16
C LYS B 38 9.31 -12.39 -22.82
N ARG B 39 10.10 -11.40 -23.26
CA ARG B 39 9.77 -10.01 -22.97
C ARG B 39 8.60 -9.52 -23.79
N ALA B 40 8.36 -10.11 -24.96
CA ALA B 40 7.18 -9.72 -25.75
C ALA B 40 5.89 -9.92 -24.97
N ASN B 41 5.87 -10.89 -24.05
CA ASN B 41 4.69 -11.17 -23.23
C ASN B 41 4.84 -10.68 -21.80
N GLN B 42 5.87 -9.89 -21.51
CA GLN B 42 6.02 -9.31 -20.18
C GLN B 42 5.18 -8.05 -20.09
N ALA B 43 4.42 -7.91 -19.01
CA ALA B 43 3.44 -6.84 -18.86
C ALA B 43 4.02 -5.73 -18.02
N PHE B 44 3.96 -4.50 -18.55
CA PHE B 44 4.47 -3.32 -17.88
C PHE B 44 3.35 -2.28 -17.76
N LEU B 45 3.61 -1.26 -16.95
CA LEU B 45 2.75 -0.08 -16.95
C LEU B 45 2.68 0.48 -18.37
N PRO B 46 1.49 0.76 -18.90
CA PRO B 46 1.42 1.33 -20.27
C PRO B 46 1.92 2.75 -20.33
N ALA B 47 1.96 3.46 -19.21
CA ALA B 47 2.34 4.86 -19.18
C ALA B 47 1.51 5.64 -20.21
N SER B 48 2.15 6.51 -20.99
CA SER B 48 1.41 7.41 -21.86
C SER B 48 0.82 6.71 -23.09
N THR B 49 1.16 5.45 -23.34
CA THR B 49 0.45 4.71 -24.37
C THR B 49 -1.01 4.49 -23.99
N PHE B 50 -1.35 4.67 -22.72
CA PHE B 50 -2.72 4.54 -22.27
C PHE B 50 -3.61 5.67 -22.79
N KCX B 51 -2.98 6.69 -23.37
CA KCX B 51 -3.74 7.81 -23.90
CB KCX B 51 -2.78 8.94 -24.33
CG KCX B 51 -2.24 9.74 -23.15
CD KCX B 51 -1.31 10.85 -23.59
CE KCX B 51 -0.83 11.67 -22.41
NZ KCX B 51 0.08 10.88 -21.53
C KCX B 51 -4.60 7.39 -25.08
O KCX B 51 -5.56 8.08 -25.42
CX KCX B 51 -0.37 10.29 -20.43
OQ1 KCX B 51 0.41 9.64 -19.71
OQ2 KCX B 51 -1.56 10.39 -20.10
N ILE B 52 -4.28 6.26 -25.70
CA ILE B 52 -5.09 5.74 -26.81
C ILE B 52 -6.47 5.32 -26.28
N PRO B 53 -6.54 4.34 -25.38
CA PRO B 53 -7.85 3.98 -24.82
C PRO B 53 -8.49 5.12 -24.05
N ASN B 54 -7.69 5.91 -23.34
CA ASN B 54 -8.22 7.05 -22.60
C ASN B 54 -8.92 8.03 -23.53
N SER B 55 -8.32 8.32 -24.68
CA SER B 55 -8.97 9.18 -25.68
C SER B 55 -10.28 8.56 -26.15
N LEU B 56 -10.25 7.27 -26.50
CA LEU B 56 -11.45 6.59 -26.99
C LEU B 56 -12.60 6.72 -25.99
N ILE B 57 -12.32 6.42 -24.72
CA ILE B 57 -13.37 6.45 -23.71
C ILE B 57 -13.93 7.86 -23.57
N ALA B 58 -13.04 8.85 -23.46
CA ALA B 58 -13.49 10.22 -23.29
C ALA B 58 -14.36 10.69 -24.45
N LEU B 59 -13.97 10.32 -25.68
CA LEU B 59 -14.75 10.73 -26.85
C LEU B 59 -16.12 10.05 -26.87
N ASP B 60 -16.17 8.75 -26.58
CA ASP B 60 -17.42 8.02 -26.71
C ASP B 60 -18.41 8.42 -25.63
N LEU B 61 -17.93 8.90 -24.48
CA LEU B 61 -18.80 9.34 -23.39
C LEU B 61 -19.15 10.81 -23.48
N GLY B 62 -18.53 11.57 -24.38
CA GLY B 62 -18.80 12.99 -24.50
C GLY B 62 -17.92 13.88 -23.65
N VAL B 63 -16.97 13.32 -22.90
CA VAL B 63 -16.02 14.14 -22.17
C VAL B 63 -15.26 15.04 -23.12
N VAL B 64 -14.90 14.52 -24.29
CA VAL B 64 -14.28 15.29 -25.37
C VAL B 64 -15.27 15.33 -26.51
N LYS B 65 -15.66 16.55 -26.92
CA LYS B 65 -16.67 16.67 -27.96
C LYS B 65 -16.09 16.35 -29.34
N ASP B 66 -14.89 16.86 -29.65
CA ASP B 66 -14.22 16.55 -30.90
C ASP B 66 -12.75 16.92 -30.78
N GLU B 67 -12.02 16.77 -31.88
CA GLU B 67 -10.59 17.00 -31.89
C GLU B 67 -10.23 18.48 -31.89
N HIS B 68 -11.21 19.37 -32.00
CA HIS B 68 -10.95 20.81 -31.96
C HIS B 68 -11.20 21.43 -30.60
N GLN B 69 -11.93 20.74 -29.72
CA GLN B 69 -12.24 21.31 -28.41
C GLN B 69 -10.95 21.67 -27.67
N VAL B 70 -10.91 22.88 -27.13
CA VAL B 70 -9.73 23.38 -26.46
C VAL B 70 -9.84 23.06 -24.97
N PHE B 71 -8.76 22.52 -24.42
CA PHE B 71 -8.66 22.24 -22.99
C PHE B 71 -7.63 23.21 -22.43
N LYS B 72 -8.11 24.23 -21.71
CA LYS B 72 -7.28 25.36 -21.36
C LYS B 72 -6.26 24.98 -20.30
N TRP B 73 -5.04 25.49 -20.46
CA TRP B 73 -4.02 25.36 -19.44
C TRP B 73 -4.57 25.86 -18.11
N ASP B 74 -4.30 25.13 -17.04
CA ASP B 74 -4.78 25.49 -15.72
C ASP B 74 -3.89 26.52 -15.03
N GLY B 75 -2.89 27.06 -15.72
CA GLY B 75 -2.05 28.09 -15.14
C GLY B 75 -0.92 27.59 -14.27
N GLN B 76 -0.82 26.28 -14.04
CA GLN B 76 0.21 25.71 -13.18
C GLN B 76 1.46 25.49 -14.03
N THR B 77 2.53 26.21 -13.73
CA THR B 77 3.78 26.04 -14.46
C THR B 77 4.36 24.68 -14.09
N ARG B 78 4.49 23.80 -15.08
CA ARG B 78 5.03 22.47 -14.90
C ARG B 78 6.39 22.34 -15.57
N ASP B 79 7.05 21.21 -15.29
CA ASP B 79 8.44 21.02 -15.71
C ASP B 79 8.58 20.82 -17.21
N ILE B 80 7.48 20.62 -17.94
CA ILE B 80 7.50 20.41 -19.38
C ILE B 80 7.04 21.68 -20.08
N ALA B 81 7.93 22.24 -20.91
CA ALA B 81 7.65 23.50 -21.57
C ALA B 81 6.40 23.40 -22.43
N THR B 82 6.21 22.29 -23.14
CA THR B 82 5.11 22.18 -24.08
C THR B 82 3.77 21.92 -23.41
N TRP B 83 3.75 21.50 -22.16
CA TRP B 83 2.50 21.33 -21.42
C TRP B 83 1.89 22.66 -20.99
N ASN B 84 2.70 23.72 -20.92
CA ASN B 84 2.22 25.02 -20.43
C ASN B 84 1.62 25.84 -21.57
N ARG B 85 0.62 25.24 -22.22
N ARG B 85 0.59 25.27 -22.19
CA ARG B 85 -0.08 25.85 -23.34
CA ARG B 85 -0.13 25.97 -23.25
C ARG B 85 -1.51 25.32 -23.36
C ARG B 85 -1.47 25.28 -23.45
N ASP B 86 -2.35 25.93 -24.20
CA ASP B 86 -3.64 25.35 -24.51
C ASP B 86 -3.43 24.15 -25.44
N HIS B 87 -4.35 23.19 -25.36
CA HIS B 87 -4.22 21.98 -26.15
C HIS B 87 -5.58 21.50 -26.62
N ASN B 88 -5.56 20.77 -27.73
CA ASN B 88 -6.69 19.96 -28.18
C ASN B 88 -6.26 18.50 -28.18
N LEU B 89 -7.18 17.62 -28.56
CA LEU B 89 -6.88 16.19 -28.54
C LEU B 89 -5.64 15.87 -29.38
N ILE B 90 -5.50 16.51 -30.54
CA ILE B 90 -4.36 16.24 -31.41
C ILE B 90 -3.07 16.66 -30.71
N THR B 91 -3.01 17.90 -30.24
CA THR B 91 -1.78 18.39 -29.63
C THR B 91 -1.52 17.74 -28.29
N ALA B 92 -2.57 17.39 -27.54
CA ALA B 92 -2.39 16.70 -26.28
C ALA B 92 -1.74 15.34 -26.49
N MET B 93 -2.17 14.59 -27.51
N MET B 93 -2.21 14.59 -27.49
CA MET B 93 -1.54 13.32 -27.80
CA MET B 93 -1.56 13.32 -27.85
C MET B 93 -0.14 13.51 -28.37
C MET B 93 -0.14 13.56 -28.32
N LYS B 94 0.04 14.54 -29.21
CA LYS B 94 1.36 14.79 -29.80
C LYS B 94 2.41 15.06 -28.73
N TYR B 95 2.05 15.82 -27.69
CA TYR B 95 2.99 16.23 -26.65
C TYR B 95 2.78 15.48 -25.34
N SER B 96 1.96 14.42 -25.34
CA SER B 96 1.74 13.59 -24.17
C SER B 96 1.42 14.45 -22.93
N VAL B 97 0.41 15.29 -23.06
CA VAL B 97 0.06 16.22 -21.99
C VAL B 97 -0.72 15.47 -20.91
N VAL B 98 0.01 14.96 -19.91
CA VAL B 98 -0.63 14.18 -18.85
C VAL B 98 -1.76 14.94 -18.17
N PRO B 99 -1.58 16.17 -17.70
CA PRO B 99 -2.65 16.82 -16.92
C PRO B 99 -3.97 16.91 -17.67
N VAL B 100 -3.92 17.03 -19.00
CA VAL B 100 -5.16 17.04 -19.78
C VAL B 100 -5.88 15.69 -19.64
N TYR B 101 -5.13 14.60 -19.81
CA TYR B 101 -5.73 13.28 -19.74
C TYR B 101 -6.05 12.86 -18.31
N GLN B 102 -5.38 13.45 -17.31
CA GLN B 102 -5.80 13.23 -15.93
C GLN B 102 -7.17 13.83 -15.70
N GLU B 103 -7.45 14.99 -16.30
CA GLU B 103 -8.77 15.60 -16.20
C GLU B 103 -9.82 14.74 -16.90
N PHE B 104 -9.47 14.17 -18.06
CA PHE B 104 -10.36 13.21 -18.70
C PHE B 104 -10.71 12.08 -17.75
N ALA B 105 -9.69 11.46 -17.15
CA ALA B 105 -9.92 10.30 -16.28
C ALA B 105 -10.85 10.64 -15.12
N ARG B 106 -10.63 11.79 -14.48
CA ARG B 106 -11.50 12.17 -13.37
C ARG B 106 -12.94 12.32 -13.83
N GLN B 107 -13.16 12.91 -14.99
CA GLN B 107 -14.53 13.04 -15.50
C GLN B 107 -15.09 11.71 -15.95
N ILE B 108 -14.23 10.82 -16.47
CA ILE B 108 -14.68 9.48 -16.83
C ILE B 108 -15.18 8.75 -15.58
N GLY B 109 -14.37 8.73 -14.55
CA GLY B 109 -14.74 8.08 -13.29
C GLY B 109 -14.26 6.65 -13.21
N GLU B 110 -14.07 6.18 -11.98
CA GLU B 110 -13.58 4.82 -11.75
C GLU B 110 -14.48 3.79 -12.43
N ALA B 111 -15.79 3.87 -12.17
CA ALA B 111 -16.71 2.85 -12.65
C ALA B 111 -16.64 2.73 -14.17
N ARG B 112 -16.79 3.86 -14.88
CA ARG B 112 -16.80 3.81 -16.34
C ARG B 112 -15.42 3.47 -16.90
N MET B 113 -14.35 3.92 -16.25
CA MET B 113 -13.01 3.57 -16.71
C MET B 113 -12.79 2.07 -16.66
N SER B 114 -13.14 1.44 -15.52
CA SER B 114 -12.96 0.01 -15.38
C SER B 114 -13.81 -0.76 -16.37
N LYS B 115 -15.09 -0.41 -16.47
CA LYS B 115 -15.98 -1.10 -17.40
C LYS B 115 -15.40 -1.11 -18.81
N MET B 116 -15.02 0.06 -19.31
CA MET B 116 -14.57 0.17 -20.69
C MET B 116 -13.31 -0.64 -20.95
N LEU B 117 -12.41 -0.71 -19.95
CA LEU B 117 -11.18 -1.46 -20.14
C LEU B 117 -11.45 -2.97 -20.19
N HIS B 118 -12.49 -3.45 -19.52
N HIS B 118 -12.49 -3.44 -19.48
CA HIS B 118 -12.84 -4.86 -19.66
CA HIS B 118 -12.90 -4.82 -19.61
C HIS B 118 -13.42 -5.14 -21.03
C HIS B 118 -13.41 -5.11 -21.03
N ALA B 119 -14.28 -4.24 -21.54
CA ALA B 119 -14.79 -4.40 -22.89
C ALA B 119 -13.67 -4.35 -23.93
N PHE B 120 -12.64 -3.55 -23.68
CA PHE B 120 -11.49 -3.50 -24.58
C PHE B 120 -10.57 -4.70 -24.44
N ASP B 121 -10.75 -5.51 -23.39
CA ASP B 121 -9.85 -6.63 -23.12
C ASP B 121 -8.41 -6.14 -22.95
N TYR B 122 -8.27 -4.99 -22.31
CA TYR B 122 -7.01 -4.24 -22.27
C TYR B 122 -6.14 -4.75 -21.12
N GLY B 123 -5.08 -5.48 -21.47
CA GLY B 123 -4.10 -5.90 -20.48
C GLY B 123 -4.74 -6.66 -19.35
N ASN B 124 -4.26 -6.41 -18.13
CA ASN B 124 -4.81 -7.04 -16.94
C ASN B 124 -6.08 -6.34 -16.46
N GLU B 125 -6.50 -5.27 -17.12
CA GLU B 125 -7.78 -4.63 -16.85
C GLU B 125 -7.91 -4.18 -15.40
N ASP B 126 -6.78 -3.85 -14.76
CA ASP B 126 -6.75 -3.45 -13.37
C ASP B 126 -6.40 -1.97 -13.29
N ILE B 127 -7.32 -1.17 -12.75
CA ILE B 127 -7.12 0.26 -12.61
C ILE B 127 -6.75 0.63 -11.18
N SER B 128 -6.24 -0.32 -10.40
CA SER B 128 -5.92 -0.06 -9.00
C SER B 128 -4.99 1.15 -8.88
N GLY B 129 -5.33 2.04 -7.95
CA GLY B 129 -4.57 3.27 -7.77
C GLY B 129 -5.46 4.48 -7.91
N ASN B 130 -4.85 5.64 -8.14
CA ASN B 130 -5.61 6.84 -8.40
C ASN B 130 -6.24 6.78 -9.79
N VAL B 131 -7.50 7.19 -9.89
CA VAL B 131 -8.19 7.14 -11.17
C VAL B 131 -7.50 8.04 -12.19
N ASP B 132 -6.74 9.03 -11.74
CA ASP B 132 -6.09 10.00 -12.61
C ASP B 132 -4.59 9.77 -12.74
N SER B 133 -4.10 8.59 -12.35
CA SER B 133 -2.67 8.31 -12.51
C SER B 133 -2.36 6.82 -12.47
N PHE B 134 -3.38 5.97 -12.50
CA PHE B 134 -3.13 4.53 -12.35
C PHE B 134 -2.28 3.99 -13.49
N TRP B 135 -2.39 4.59 -14.68
CA TRP B 135 -1.57 4.14 -15.81
C TRP B 135 -0.11 4.58 -15.68
N LEU B 136 0.21 5.43 -14.72
CA LEU B 136 1.59 5.82 -14.45
C LEU B 136 2.15 5.21 -13.18
N ASP B 137 1.30 4.98 -12.16
CA ASP B 137 1.80 4.42 -10.90
C ASP B 137 0.78 3.51 -10.22
N GLY B 138 -0.18 2.97 -10.95
CA GLY B 138 -1.16 2.07 -10.40
C GLY B 138 -0.86 0.62 -10.71
N GLY B 139 -1.91 -0.18 -10.76
CA GLY B 139 -1.80 -1.62 -10.92
C GLY B 139 -1.93 -2.13 -12.33
N ILE B 140 -2.11 -1.25 -13.30
CA ILE B 140 -2.37 -1.66 -14.68
C ILE B 140 -1.10 -2.20 -15.30
N ARG B 141 -1.22 -3.31 -16.03
CA ARG B 141 -0.10 -3.91 -16.74
C ARG B 141 -0.59 -4.42 -18.09
N ILE B 142 0.27 -4.30 -19.10
CA ILE B 142 -0.03 -4.77 -20.45
C ILE B 142 1.29 -5.10 -21.14
N SER B 143 1.28 -6.15 -21.94
CA SER B 143 2.47 -6.57 -22.68
C SER B 143 2.44 -6.00 -24.10
N ALA B 144 3.58 -6.14 -24.78
CA ALA B 144 3.66 -5.66 -26.15
C ALA B 144 2.68 -6.39 -27.06
N THR B 145 2.60 -7.72 -26.93
CA THR B 145 1.66 -8.48 -27.75
C THR B 145 0.22 -8.12 -27.44
N GLU B 146 -0.09 -7.81 -26.17
CA GLU B 146 -1.43 -7.36 -25.83
C GLU B 146 -1.70 -5.97 -26.38
N GLN B 147 -0.68 -5.12 -26.45
CA GLN B 147 -0.85 -3.82 -27.11
C GLN B 147 -1.24 -4.00 -28.56
N ILE B 148 -0.60 -4.95 -29.26
CA ILE B 148 -0.90 -5.18 -30.66
C ILE B 148 -2.33 -5.68 -30.81
N SER B 149 -2.73 -6.65 -29.99
CA SER B 149 -4.09 -7.16 -30.05
C SER B 149 -5.10 -6.02 -29.93
N PHE B 150 -4.88 -5.12 -28.97
CA PHE B 150 -5.76 -3.98 -28.80
C PHE B 150 -5.72 -3.07 -30.03
N LEU B 151 -4.51 -2.79 -30.53
CA LEU B 151 -4.38 -1.90 -31.67
C LEU B 151 -5.04 -2.48 -32.91
N ARG B 152 -4.96 -3.80 -33.08
CA ARG B 152 -5.60 -4.44 -34.22
C ARG B 152 -7.12 -4.24 -34.18
N LYS B 153 -7.71 -4.35 -32.99
CA LYS B 153 -9.14 -4.05 -32.85
C LYS B 153 -9.41 -2.59 -33.19
N LEU B 154 -8.54 -1.68 -32.76
CA LEU B 154 -8.72 -0.27 -33.07
C LEU B 154 -8.65 -0.02 -34.57
N TYR B 155 -7.69 -0.66 -35.25
CA TYR B 155 -7.52 -0.44 -36.68
C TYR B 155 -8.77 -0.88 -37.45
N HIS B 156 -9.38 -1.98 -37.04
CA HIS B 156 -10.56 -2.52 -37.73
C HIS B 156 -11.86 -1.95 -37.20
N ASN B 157 -11.81 -0.92 -36.36
CA ASN B 157 -13.02 -0.32 -35.79
C ASN B 157 -13.84 -1.35 -35.01
N LYS B 158 -13.16 -2.29 -34.36
CA LYS B 158 -13.84 -3.38 -33.67
C LYS B 158 -13.94 -3.18 -32.16
N LEU B 159 -13.31 -2.13 -31.61
CA LEU B 159 -13.50 -1.85 -30.19
C LEU B 159 -14.95 -1.43 -29.95
N HIS B 160 -15.41 -1.66 -28.72
CA HIS B 160 -16.81 -1.42 -28.37
C HIS B 160 -17.03 0.05 -28.00
N VAL B 161 -16.72 0.90 -28.97
CA VAL B 161 -17.09 2.32 -28.96
C VAL B 161 -17.51 2.67 -30.37
N SER B 162 -18.02 3.89 -30.55
CA SER B 162 -18.54 4.29 -31.85
C SER B 162 -17.43 4.30 -32.90
N GLU B 163 -17.83 4.10 -34.15
CA GLU B 163 -16.88 4.22 -35.25
C GLU B 163 -16.24 5.60 -35.27
N ARG B 164 -17.04 6.64 -34.98
CA ARG B 164 -16.51 7.99 -34.95
C ARG B 164 -15.37 8.12 -33.94
N SER B 165 -15.60 7.64 -32.72
CA SER B 165 -14.57 7.74 -31.68
C SER B 165 -13.26 7.09 -32.13
N GLN B 166 -13.35 5.93 -32.78
CA GLN B 166 -12.13 5.22 -33.17
C GLN B 166 -11.42 5.93 -34.32
N ARG B 167 -12.17 6.48 -35.27
CA ARG B 167 -11.55 7.22 -36.36
C ARG B 167 -10.81 8.44 -35.84
N ILE B 168 -11.43 9.18 -34.91
CA ILE B 168 -10.80 10.39 -34.39
C ILE B 168 -9.48 10.06 -33.71
N VAL B 169 -9.46 8.99 -32.90
CA VAL B 169 -8.24 8.64 -32.19
C VAL B 169 -7.15 8.21 -33.16
N LYS B 170 -7.52 7.47 -34.21
CA LYS B 170 -6.53 7.09 -35.21
C LYS B 170 -5.98 8.30 -35.94
N GLN B 171 -6.80 9.34 -36.12
CA GLN B 171 -6.30 10.61 -36.63
C GLN B 171 -5.30 11.22 -35.65
N ALA B 172 -5.64 11.23 -34.37
CA ALA B 172 -4.75 11.79 -33.36
C ALA B 172 -3.46 11.00 -33.24
N MET B 173 -3.49 9.70 -33.55
CA MET B 173 -2.29 8.88 -33.48
C MET B 173 -1.32 9.14 -34.63
N LEU B 174 -1.72 9.91 -35.64
CA LEU B 174 -0.87 10.14 -36.80
C LEU B 174 0.47 10.73 -36.35
N THR B 175 1.55 10.07 -36.72
CA THR B 175 2.90 10.45 -36.33
C THR B 175 3.78 10.83 -37.50
N GLU B 176 3.74 10.06 -38.59
CA GLU B 176 4.60 10.29 -39.74
C GLU B 176 3.93 9.76 -40.99
N ALA B 177 4.13 10.43 -42.11
CA ALA B 177 3.54 10.01 -43.37
C ALA B 177 4.37 10.54 -44.52
N ASN B 178 4.59 9.71 -45.52
CA ASN B 178 5.27 10.08 -46.74
C ASN B 178 4.81 9.16 -47.86
N GLY B 179 5.53 9.16 -48.98
CA GLY B 179 5.14 8.36 -50.13
C GLY B 179 5.29 6.86 -49.93
N ASP B 180 5.95 6.43 -48.86
CA ASP B 180 6.22 5.01 -48.64
C ASP B 180 5.37 4.38 -47.55
N TYR B 181 5.02 5.12 -46.50
CA TYR B 181 4.30 4.52 -45.39
C TYR B 181 3.61 5.59 -44.56
N ILE B 182 2.68 5.14 -43.74
CA ILE B 182 2.02 5.96 -42.73
C ILE B 182 2.18 5.26 -41.40
N ILE B 183 2.55 6.02 -40.36
CA ILE B 183 2.72 5.47 -39.02
C ILE B 183 1.74 6.18 -38.11
N ARG B 184 0.89 5.39 -37.45
CA ARG B 184 0.03 5.88 -36.37
C ARG B 184 0.45 5.16 -35.11
N ALA B 185 0.85 5.92 -34.09
CA ALA B 185 1.53 5.32 -32.95
C ALA B 185 1.47 6.30 -31.77
N LYS B 186 1.91 5.81 -30.62
CA LYS B 186 1.95 6.61 -29.41
C LYS B 186 3.16 6.19 -28.58
N THR B 187 3.90 7.17 -28.06
CA THR B 187 5.05 6.91 -27.22
C THR B 187 4.61 6.77 -25.77
N GLY B 188 5.50 6.19 -24.96
CA GLY B 188 5.24 6.04 -23.54
C GLY B 188 6.54 5.98 -22.78
N TYR B 189 6.50 6.49 -21.54
CA TYR B 189 7.70 6.55 -20.71
C TYR B 189 7.27 6.35 -19.26
N SER B 190 7.53 5.16 -18.72
CA SER B 190 7.17 4.85 -17.34
C SER B 190 8.35 5.15 -16.44
N THR B 191 8.17 6.09 -15.52
CA THR B 191 9.24 6.56 -14.65
C THR B 191 8.96 6.38 -13.17
N ARG B 192 7.70 6.21 -12.77
CA ARG B 192 7.34 6.28 -11.36
C ARG B 192 7.57 4.97 -10.62
N ILE B 193 7.62 3.83 -11.32
CA ILE B 193 7.82 2.53 -10.71
C ILE B 193 8.82 1.76 -11.53
N GLU B 194 9.74 1.07 -10.86
CA GLU B 194 10.75 0.30 -11.56
C GLU B 194 10.13 -0.96 -12.16
N PRO B 195 10.67 -1.45 -13.29
CA PRO B 195 11.79 -0.84 -14.03
C PRO B 195 11.32 0.30 -14.93
N LYS B 196 12.08 1.38 -15.00
CA LYS B 196 11.76 2.45 -15.93
C LYS B 196 11.91 1.95 -17.36
N ILE B 197 10.89 2.22 -18.18
CA ILE B 197 10.88 1.75 -19.56
C ILE B 197 10.23 2.79 -20.46
N GLY B 198 10.54 2.70 -21.75
CA GLY B 198 9.91 3.51 -22.76
C GLY B 198 9.09 2.65 -23.70
N TRP B 199 8.00 3.21 -24.20
CA TRP B 199 7.08 2.51 -25.10
C TRP B 199 7.04 3.19 -26.47
N TRP B 200 6.77 2.39 -27.49
CA TRP B 200 6.27 2.92 -28.76
C TRP B 200 5.40 1.83 -29.39
N VAL B 201 4.12 2.12 -29.55
CA VAL B 201 3.16 1.17 -30.08
C VAL B 201 2.38 1.84 -31.19
N GLY B 202 2.03 1.05 -32.21
CA GLY B 202 1.28 1.58 -33.35
C GLY B 202 1.29 0.60 -34.50
N TRP B 203 1.26 1.15 -35.70
CA TRP B 203 1.34 0.30 -36.88
C TRP B 203 1.85 1.12 -38.06
N VAL B 204 2.33 0.41 -39.07
CA VAL B 204 2.82 1.00 -40.30
C VAL B 204 1.89 0.57 -41.42
N GLU B 205 1.29 1.54 -42.09
CA GLU B 205 0.38 1.27 -43.20
C GLU B 205 1.17 1.31 -44.51
N LEU B 206 1.06 0.23 -45.27
CA LEU B 206 1.59 0.17 -46.63
C LEU B 206 0.44 0.10 -47.63
N ASP B 207 0.80 0.17 -48.91
CA ASP B 207 -0.21 0.13 -49.96
C ASP B 207 -1.10 -1.11 -49.82
N ASP B 208 -0.51 -2.25 -49.47
CA ASP B 208 -1.22 -3.52 -49.55
C ASP B 208 -1.00 -4.39 -48.31
N ASN B 209 -0.70 -3.76 -47.18
CA ASN B 209 -0.52 -4.50 -45.93
C ASN B 209 -0.33 -3.50 -44.80
N VAL B 210 -0.51 -3.97 -43.57
N VAL B 210 -0.53 -3.98 -43.57
CA VAL B 210 -0.27 -3.15 -42.38
CA VAL B 210 -0.30 -3.20 -42.36
C VAL B 210 0.56 -3.97 -41.40
C VAL B 210 0.60 -4.02 -41.44
N TRP B 211 1.61 -3.35 -40.87
CA TRP B 211 2.52 -3.98 -39.93
C TRP B 211 2.31 -3.33 -38.56
N PHE B 212 1.66 -4.05 -37.64
CA PHE B 212 1.53 -3.58 -36.28
C PHE B 212 2.83 -3.82 -35.52
N PHE B 213 3.14 -2.89 -34.62
CA PHE B 213 4.35 -3.02 -33.82
C PHE B 213 4.10 -2.51 -32.40
N ALA B 214 4.83 -3.10 -31.46
CA ALA B 214 4.87 -2.62 -30.09
C ALA B 214 6.25 -2.94 -29.55
N MET B 215 6.90 -1.94 -28.93
CA MET B 215 8.24 -2.12 -28.41
C MET B 215 8.34 -1.45 -27.05
N ASN B 216 9.15 -2.04 -26.18
CA ASN B 216 9.57 -1.38 -24.96
C ASN B 216 11.04 -1.70 -24.70
N MET B 217 11.68 -0.86 -23.90
CA MET B 217 13.09 -0.97 -23.62
C MET B 217 13.38 -0.32 -22.28
N ASP B 218 14.40 -0.83 -21.60
CA ASP B 218 14.82 -0.21 -20.35
C ASP B 218 15.26 1.22 -20.61
N MET B 219 14.82 2.14 -19.75
CA MET B 219 15.04 3.57 -19.95
C MET B 219 15.36 4.22 -18.61
N PRO B 220 16.57 3.99 -18.09
CA PRO B 220 16.92 4.56 -16.78
C PRO B 220 16.95 6.08 -16.78
N THR B 221 17.19 6.70 -17.93
CA THR B 221 17.20 8.15 -18.03
C THR B 221 16.50 8.58 -19.31
N SER B 222 16.02 9.82 -19.32
CA SER B 222 15.33 10.38 -20.48
C SER B 222 16.24 10.61 -21.68
N ASP B 223 17.56 10.54 -21.50
CA ASP B 223 18.47 10.84 -22.61
C ASP B 223 18.29 9.86 -23.76
N GLY B 224 17.85 8.64 -23.49
CA GLY B 224 17.71 7.61 -24.50
C GLY B 224 16.33 7.47 -25.09
N LEU B 225 15.42 8.42 -24.86
CA LEU B 225 14.05 8.27 -25.34
C LEU B 225 14.00 8.17 -26.86
N GLY B 226 14.89 8.90 -27.54
CA GLY B 226 14.91 8.84 -29.00
C GLY B 226 15.21 7.46 -29.55
N LEU B 227 15.78 6.58 -28.74
CA LEU B 227 16.09 5.23 -29.19
C LEU B 227 14.83 4.40 -29.39
N ARG B 228 13.71 4.77 -28.76
CA ARG B 228 12.47 4.04 -28.96
C ARG B 228 12.10 3.98 -30.43
N GLN B 229 12.09 5.13 -31.11
CA GLN B 229 11.76 5.15 -32.53
C GLN B 229 12.92 4.66 -33.38
N ALA B 230 14.16 5.00 -33.00
CA ALA B 230 15.31 4.65 -33.81
C ALA B 230 15.49 3.14 -33.91
N ILE B 231 15.46 2.45 -32.78
CA ILE B 231 15.61 0.99 -32.79
C ILE B 231 14.47 0.35 -33.57
N THR B 232 13.25 0.83 -33.36
CA THR B 232 12.11 0.30 -34.11
C THR B 232 12.32 0.45 -35.60
N LYS B 233 12.75 1.63 -36.04
CA LYS B 233 12.91 1.88 -37.47
C LYS B 233 14.05 1.06 -38.06
N GLU B 234 15.08 0.76 -37.26
CA GLU B 234 16.14 -0.12 -37.77
C GLU B 234 15.63 -1.54 -37.97
N VAL B 235 14.70 -2.00 -37.12
CA VAL B 235 14.06 -3.29 -37.34
C VAL B 235 13.21 -3.24 -38.60
N LEU B 236 12.36 -2.21 -38.72
CA LEU B 236 11.53 -2.06 -39.91
C LEU B 236 12.39 -2.01 -41.16
N LYS B 237 13.49 -1.24 -41.11
CA LYS B 237 14.40 -1.16 -42.25
C LYS B 237 15.00 -2.53 -42.57
N GLN B 238 15.50 -3.23 -41.55
CA GLN B 238 16.12 -4.54 -41.77
C GLN B 238 15.16 -5.50 -42.45
N GLU B 239 13.91 -5.54 -42.01
CA GLU B 239 12.92 -6.43 -42.60
C GLU B 239 12.34 -5.86 -43.90
N LYS B 240 12.90 -4.76 -44.39
CA LYS B 240 12.46 -4.16 -45.65
C LYS B 240 11.00 -3.72 -45.61
N ILE B 241 10.51 -3.40 -44.42
CA ILE B 241 9.17 -2.84 -44.29
C ILE B 241 9.17 -1.36 -44.69
N ILE B 242 10.26 -0.65 -44.43
CA ILE B 242 10.39 0.74 -44.86
C ILE B 242 11.76 0.90 -45.52
N PRO B 243 11.94 1.86 -46.44
CA PRO B 243 13.24 2.06 -47.08
C PRO B 243 14.30 2.54 -46.10
N LYS C 1 -3.70 -22.18 -37.18
CA LYS C 1 -2.55 -22.99 -37.53
C LYS C 1 -2.06 -23.81 -36.33
N GLU C 2 -0.88 -23.44 -35.82
CA GLU C 2 -0.33 -24.13 -34.65
C GLU C 2 -1.17 -23.93 -33.40
N TRP C 3 -1.93 -22.84 -33.32
CA TRP C 3 -2.80 -22.58 -32.18
C TRP C 3 -4.19 -22.21 -32.66
N GLN C 4 -5.18 -22.55 -31.82
CA GLN C 4 -6.58 -22.28 -32.12
C GLN C 4 -7.28 -21.84 -30.85
N GLU C 5 -8.15 -20.84 -30.96
CA GLU C 5 -8.93 -20.37 -29.84
C GLU C 5 -10.34 -20.94 -29.94
N ASN C 6 -10.81 -21.54 -28.84
CA ASN C 6 -12.15 -22.13 -28.77
C ASN C 6 -12.85 -21.51 -27.57
N LYS C 7 -13.61 -20.44 -27.82
CA LYS C 7 -14.29 -19.75 -26.73
C LYS C 7 -15.50 -20.51 -26.21
N SER C 8 -15.90 -21.61 -26.88
CA SER C 8 -16.99 -22.43 -26.35
C SER C 8 -16.64 -22.98 -24.98
N TRP C 9 -15.34 -23.19 -24.70
CA TRP C 9 -14.93 -23.70 -23.39
C TRP C 9 -15.25 -22.71 -22.28
N ASN C 10 -15.43 -21.42 -22.61
CA ASN C 10 -15.72 -20.43 -21.57
C ASN C 10 -16.97 -20.80 -20.80
N ALA C 11 -17.89 -21.56 -21.40
CA ALA C 11 -19.09 -21.99 -20.69
C ALA C 11 -18.73 -22.79 -19.44
N HIS C 12 -17.64 -23.56 -19.48
CA HIS C 12 -17.26 -24.36 -18.32
C HIS C 12 -16.79 -23.51 -17.15
N PHE C 13 -16.33 -22.29 -17.40
CA PHE C 13 -15.97 -21.39 -16.32
C PHE C 13 -17.15 -20.58 -15.83
N THR C 14 -17.90 -19.96 -16.76
CA THR C 14 -19.05 -19.14 -16.36
C THR C 14 -20.14 -19.97 -15.73
N GLU C 15 -20.23 -21.25 -16.08
CA GLU C 15 -21.20 -22.13 -15.43
C GLU C 15 -21.04 -22.08 -13.91
N HIS C 16 -19.80 -22.00 -13.44
CA HIS C 16 -19.50 -21.97 -12.02
C HIS C 16 -19.11 -20.59 -11.53
N LYS C 17 -19.51 -19.55 -12.26
CA LYS C 17 -19.27 -18.16 -11.88
C LYS C 17 -17.80 -17.92 -11.54
N SER C 18 -16.93 -18.19 -12.51
N SER C 18 -16.95 -18.20 -12.52
CA SER C 18 -15.52 -17.86 -12.37
CA SER C 18 -15.51 -18.01 -12.40
C SER C 18 -14.94 -17.59 -13.75
C SER C 18 -14.95 -17.61 -13.76
N GLN C 19 -13.63 -17.43 -13.81
CA GLN C 19 -12.94 -17.07 -15.04
C GLN C 19 -11.55 -17.70 -15.02
N GLY C 20 -11.10 -18.13 -16.18
CA GLY C 20 -9.79 -18.76 -16.27
C GLY C 20 -9.50 -19.23 -17.68
N VAL C 21 -8.38 -19.92 -17.82
CA VAL C 21 -7.90 -20.41 -19.11
C VAL C 21 -7.57 -21.88 -18.98
N VAL C 22 -7.87 -22.65 -20.03
CA VAL C 22 -7.37 -24.00 -20.21
C VAL C 22 -6.57 -24.01 -21.51
N VAL C 23 -5.36 -24.57 -21.45
CA VAL C 23 -4.50 -24.72 -22.61
C VAL C 23 -4.26 -26.21 -22.81
N LEU C 24 -4.46 -26.69 -24.04
CA LEU C 24 -4.21 -28.07 -24.40
C LEU C 24 -3.19 -28.12 -25.53
N TRP C 25 -2.37 -29.17 -25.53
CA TRP C 25 -1.40 -29.40 -26.58
C TRP C 25 -1.46 -30.86 -27.01
N ASN C 26 -1.76 -31.09 -28.29
CA ASN C 26 -1.78 -32.43 -28.86
C ASN C 26 -0.37 -32.76 -29.33
N GLU C 27 0.30 -33.69 -28.64
CA GLU C 27 1.69 -33.99 -28.95
C GLU C 27 1.84 -34.63 -30.32
N ASN C 28 0.96 -35.58 -30.66
CA ASN C 28 1.08 -36.24 -31.95
C ASN C 28 0.94 -35.24 -33.09
N LYS C 29 -0.09 -34.40 -33.04
CA LYS C 29 -0.32 -33.44 -34.11
C LYS C 29 0.40 -32.12 -33.91
N GLN C 30 1.05 -31.90 -32.78
CA GLN C 30 1.76 -30.65 -32.52
C GLN C 30 0.85 -29.45 -32.73
N GLN C 31 -0.33 -29.52 -32.11
CA GLN C 31 -1.33 -28.47 -32.20
C GLN C 31 -1.82 -28.10 -30.80
N GLY C 32 -2.02 -26.81 -30.57
CA GLY C 32 -2.49 -26.33 -29.28
C GLY C 32 -3.89 -25.75 -29.35
N PHE C 33 -4.58 -25.76 -28.21
CA PHE C 33 -5.95 -25.27 -28.12
C PHE C 33 -6.14 -24.57 -26.78
N THR C 34 -6.87 -23.46 -26.80
CA THR C 34 -7.15 -22.74 -25.57
C THR C 34 -8.41 -21.90 -25.78
N ASN C 35 -9.04 -21.54 -24.66
CA ASN C 35 -10.23 -20.70 -24.67
C ASN C 35 -9.93 -19.21 -24.63
N ASN C 36 -8.69 -18.82 -24.31
CA ASN C 36 -8.36 -17.41 -24.11
C ASN C 36 -6.87 -17.23 -24.42
N LEU C 37 -6.57 -16.78 -25.63
CA LEU C 37 -5.18 -16.66 -26.07
C LEU C 37 -4.41 -15.66 -25.22
N LYS C 38 -5.07 -14.58 -24.78
CA LYS C 38 -4.36 -13.58 -23.98
C LYS C 38 -3.99 -14.12 -22.61
N ARG C 39 -4.96 -14.74 -21.92
CA ARG C 39 -4.69 -15.24 -20.58
C ARG C 39 -3.78 -16.46 -20.61
N ALA C 40 -3.77 -17.20 -21.72
CA ALA C 40 -2.83 -18.31 -21.85
C ALA C 40 -1.39 -17.82 -21.77
N ASN C 41 -1.12 -16.58 -22.18
CA ASN C 41 0.22 -16.04 -22.18
C ASN C 41 0.45 -15.03 -21.06
N GLN C 42 -0.50 -14.89 -20.15
CA GLN C 42 -0.30 -14.03 -18.98
C GLN C 42 0.42 -14.81 -17.89
N ALA C 43 1.40 -14.17 -17.28
CA ALA C 43 2.31 -14.84 -16.35
C ALA C 43 1.86 -14.60 -14.91
N PHE C 44 1.73 -15.70 -14.16
CA PHE C 44 1.32 -15.65 -12.77
C PHE C 44 2.38 -16.32 -11.90
N LEU C 45 2.26 -16.11 -10.59
CA LEU C 45 3.05 -16.87 -9.65
C LEU C 45 2.77 -18.36 -9.83
N PRO C 46 3.80 -19.20 -9.93
CA PRO C 46 3.54 -20.64 -10.08
C PRO C 46 3.00 -21.30 -8.82
N ALA C 47 3.25 -20.71 -7.65
CA ALA C 47 2.83 -21.32 -6.39
C ALA C 47 3.31 -22.76 -6.33
N SER C 48 2.45 -23.68 -5.90
CA SER C 48 2.89 -25.06 -5.66
C SER C 48 3.15 -25.84 -6.94
N THR C 49 2.82 -25.30 -8.12
CA THR C 49 3.27 -25.95 -9.34
C THR C 49 4.79 -25.89 -9.46
N PHE C 50 5.44 -25.02 -8.71
CA PHE C 50 6.89 -24.94 -8.71
C PHE C 50 7.54 -26.15 -8.02
N KCX C 51 6.72 -26.97 -7.38
CA KCX C 51 7.26 -28.16 -6.71
CB KCX C 51 6.19 -28.81 -5.83
CG KCX C 51 5.96 -28.09 -4.50
CD KCX C 51 4.90 -28.77 -3.66
CE KCX C 51 4.73 -28.09 -2.31
NZ KCX C 51 4.12 -26.73 -2.46
C KCX C 51 7.78 -29.17 -7.72
O KCX C 51 8.50 -30.10 -7.37
CX KCX C 51 4.88 -25.64 -2.46
OQ1 KCX C 51 6.10 -25.72 -2.34
OQ2 KCX C 51 4.34 -24.53 -2.58
N ILE C 52 7.43 -28.98 -8.99
CA ILE C 52 7.94 -29.84 -10.06
C ILE C 52 9.42 -29.52 -10.30
N PRO C 53 9.75 -28.29 -10.70
CA PRO C 53 11.18 -27.96 -10.88
C PRO C 53 11.96 -28.05 -9.58
N ASN C 54 11.36 -27.66 -8.45
CA ASN C 54 12.06 -27.76 -7.18
C ASN C 54 12.43 -29.22 -6.87
N SER C 55 11.52 -30.16 -7.10
CA SER C 55 11.83 -31.57 -6.91
C SER C 55 12.98 -32.00 -7.82
N LEU C 56 12.92 -31.63 -9.10
CA LEU C 56 13.97 -32.01 -10.04
C LEU C 56 15.34 -31.54 -9.54
N ILE C 57 15.43 -30.26 -9.16
CA ILE C 57 16.71 -29.70 -8.74
C ILE C 57 17.21 -30.39 -7.48
N ALA C 58 16.32 -30.58 -6.50
CA ALA C 58 16.72 -31.20 -5.25
C ALA C 58 17.25 -32.61 -5.47
N LEU C 59 16.59 -33.38 -6.33
CA LEU C 59 17.04 -34.74 -6.61
C LEU C 59 18.36 -34.74 -7.36
N ASP C 60 18.50 -33.87 -8.36
CA ASP C 60 19.70 -33.91 -9.20
C ASP C 60 20.92 -33.40 -8.45
N LEU C 61 20.73 -32.54 -7.44
CA LEU C 61 21.84 -32.04 -6.64
C LEU C 61 22.13 -32.90 -5.42
N GLY C 62 21.28 -33.89 -5.11
CA GLY C 62 21.48 -34.75 -3.96
C GLY C 62 20.82 -34.27 -2.68
N VAL C 63 20.11 -33.15 -2.72
CA VAL C 63 19.36 -32.72 -1.54
C VAL C 63 18.34 -33.80 -1.15
N VAL C 64 17.71 -34.41 -2.15
CA VAL C 64 16.79 -35.52 -1.95
C VAL C 64 17.43 -36.75 -2.56
N LYS C 65 17.64 -37.79 -1.75
CA LYS C 65 18.32 -38.98 -2.24
C LYS C 65 17.41 -39.80 -3.14
N ASP C 66 16.16 -39.99 -2.73
CA ASP C 66 15.18 -40.72 -3.54
C ASP C 66 13.79 -40.42 -3.00
N GLU C 67 12.79 -41.07 -3.59
CA GLU C 67 11.40 -40.81 -3.24
C GLU C 67 10.98 -41.45 -1.93
N HIS C 68 11.83 -42.24 -1.28
CA HIS C 68 11.52 -42.86 0.00
C HIS C 68 12.08 -42.09 1.19
N GLN C 69 13.06 -41.21 0.97
CA GLN C 69 13.66 -40.47 2.07
C GLN C 69 12.60 -39.72 2.86
N VAL C 70 12.67 -39.83 4.18
CA VAL C 70 11.69 -39.22 5.08
C VAL C 70 12.17 -37.84 5.48
N PHE C 71 11.27 -36.86 5.36
CA PHE C 71 11.53 -35.51 5.83
C PHE C 71 10.58 -35.28 7.00
N LYS C 72 11.10 -35.38 8.22
CA LYS C 72 10.26 -35.43 9.39
C LYS C 72 9.67 -34.06 9.70
N TRP C 73 8.41 -34.06 10.16
CA TRP C 73 7.77 -32.84 10.65
C TRP C 73 8.66 -32.13 11.66
N ASP C 74 8.73 -30.81 11.55
CA ASP C 74 9.54 -30.01 12.47
C ASP C 74 8.83 -29.71 13.78
N GLY C 75 7.66 -30.30 14.01
CA GLY C 75 6.94 -30.13 15.26
C GLY C 75 6.10 -28.87 15.35
N GLN C 76 6.15 -27.99 14.36
CA GLN C 76 5.39 -26.75 14.38
C GLN C 76 4.02 -27.01 13.75
N THR C 77 2.96 -26.89 14.55
CA THR C 77 1.61 -27.14 14.08
C THR C 77 1.16 -26.03 13.14
N ARG C 78 0.81 -26.41 11.90
CA ARG C 78 0.29 -25.48 10.91
C ARG C 78 -1.18 -25.79 10.64
N ASP C 79 -1.83 -24.87 9.92
CA ASP C 79 -3.29 -24.95 9.73
C ASP C 79 -3.72 -26.07 8.80
N ILE C 80 -2.79 -26.71 8.09
CA ILE C 80 -3.12 -27.82 7.20
C ILE C 80 -2.76 -29.10 7.95
N ALA C 81 -3.76 -29.92 8.24
CA ALA C 81 -3.54 -31.10 9.08
C ALA C 81 -2.51 -32.03 8.45
N THR C 82 -2.62 -32.28 7.15
CA THR C 82 -1.71 -33.22 6.49
C THR C 82 -0.28 -32.73 6.44
N TRP C 83 -0.03 -31.45 6.73
CA TRP C 83 1.34 -30.95 6.80
C TRP C 83 2.02 -31.32 8.12
N ASN C 84 1.25 -31.60 9.17
CA ASN C 84 1.81 -31.87 10.49
C ASN C 84 2.12 -33.35 10.68
N ARG C 85 2.87 -33.91 9.74
CA ARG C 85 3.29 -35.30 9.82
C ARG C 85 4.56 -35.46 8.98
N ASP C 86 5.14 -36.65 9.05
CA ASP C 86 6.31 -36.96 8.22
C ASP C 86 5.88 -37.12 6.76
N HIS C 87 6.82 -36.83 5.86
CA HIS C 87 6.54 -36.92 4.43
C HIS C 87 7.77 -37.44 3.69
N ASN C 88 7.51 -38.04 2.55
CA ASN C 88 8.51 -38.32 1.53
C ASN C 88 8.15 -37.52 0.29
N LEU C 89 8.96 -37.64 -0.76
CA LEU C 89 8.72 -36.87 -1.97
C LEU C 89 7.30 -37.09 -2.49
N ILE C 90 6.83 -38.34 -2.45
CA ILE C 90 5.52 -38.65 -2.99
C ILE C 90 4.43 -37.93 -2.22
N THR C 91 4.39 -38.10 -0.90
CA THR C 91 3.31 -37.50 -0.12
C THR C 91 3.46 -35.98 -0.03
N ALA C 92 4.70 -35.48 -0.01
CA ALA C 92 4.90 -34.04 0.01
C ALA C 92 4.37 -33.39 -1.26
N MET C 93 4.42 -34.10 -2.39
CA MET C 93 3.79 -33.62 -3.61
C MET C 93 2.28 -33.73 -3.52
N LYS C 94 1.78 -34.89 -3.11
CA LYS C 94 0.33 -35.13 -3.05
C LYS C 94 -0.38 -34.06 -2.21
N TYR C 95 0.23 -33.66 -1.09
CA TYR C 95 -0.40 -32.75 -0.15
C TYR C 95 0.17 -31.35 -0.19
N SER C 96 0.93 -31.00 -1.23
CA SER C 96 1.48 -29.66 -1.41
C SER C 96 2.06 -29.13 -0.10
N VAL C 97 2.98 -29.91 0.46
CA VAL C 97 3.56 -29.60 1.76
C VAL C 97 4.61 -28.51 1.61
N VAL C 98 4.18 -27.25 1.76
CA VAL C 98 5.09 -26.12 1.55
C VAL C 98 6.34 -26.22 2.42
N PRO C 99 6.26 -26.43 3.74
CA PRO C 99 7.48 -26.36 4.55
C PRO C 99 8.55 -27.35 4.13
N VAL C 100 8.17 -28.52 3.60
CA VAL C 100 9.17 -29.47 3.13
C VAL C 100 9.96 -28.87 1.98
N TYR C 101 9.27 -28.28 1.00
CA TYR C 101 9.96 -27.74 -0.17
C TYR C 101 10.69 -26.45 0.14
N GLN C 102 10.31 -25.73 1.20
CA GLN C 102 11.12 -24.60 1.64
C GLN C 102 12.48 -25.06 2.14
N GLU C 103 12.53 -26.20 2.83
CA GLU C 103 13.81 -26.74 3.27
C GLU C 103 14.65 -27.19 2.08
N PHE C 104 14.02 -27.82 1.08
CA PHE C 104 14.72 -28.13 -0.16
C PHE C 104 15.38 -26.88 -0.72
N ALA C 105 14.60 -25.80 -0.87
CA ALA C 105 15.11 -24.58 -1.46
C ALA C 105 16.29 -24.03 -0.67
N ARG C 106 16.18 -24.03 0.67
CA ARG C 106 17.28 -23.53 1.49
C ARG C 106 18.56 -24.30 1.22
N GLN C 107 18.46 -25.62 1.11
CA GLN C 107 19.65 -26.44 0.87
C GLN C 107 20.14 -26.29 -0.56
N ILE C 108 19.23 -26.08 -1.52
CA ILE C 108 19.66 -25.83 -2.90
C ILE C 108 20.51 -24.56 -2.97
N GLY C 109 19.98 -23.46 -2.43
CA GLY C 109 20.69 -22.20 -2.45
C GLY C 109 20.33 -21.33 -3.64
N GLU C 110 20.52 -20.02 -3.46
CA GLU C 110 20.18 -19.06 -4.51
C GLU C 110 20.89 -19.38 -5.82
N ALA C 111 22.22 -19.52 -5.76
CA ALA C 111 23.01 -19.67 -6.99
C ALA C 111 22.54 -20.87 -7.80
N ARG C 112 22.46 -22.04 -7.17
CA ARG C 112 22.10 -23.25 -7.92
C ARG C 112 20.64 -23.21 -8.36
N MET C 113 19.74 -22.62 -7.56
CA MET C 113 18.35 -22.51 -7.95
C MET C 113 18.21 -21.66 -9.22
N SER C 114 18.85 -20.50 -9.24
CA SER C 114 18.76 -19.62 -10.40
C SER C 114 19.33 -20.28 -11.65
N LYS C 115 20.54 -20.81 -11.54
CA LYS C 115 21.19 -21.46 -12.68
C LYS C 115 20.32 -22.57 -13.26
N MET C 116 19.66 -23.36 -12.39
CA MET C 116 18.84 -24.45 -12.88
C MET C 116 17.58 -23.94 -13.59
N LEU C 117 16.97 -22.87 -13.06
CA LEU C 117 15.76 -22.37 -13.71
C LEU C 117 16.10 -21.73 -15.05
N HIS C 118 17.27 -21.09 -15.17
CA HIS C 118 17.73 -20.64 -16.47
C HIS C 118 17.91 -21.82 -17.42
N ALA C 119 18.49 -22.91 -16.92
CA ALA C 119 18.68 -24.10 -17.75
C ALA C 119 17.34 -24.71 -18.13
N PHE C 120 16.35 -24.66 -17.23
CA PHE C 120 15.03 -25.17 -17.54
C PHE C 120 14.23 -24.26 -18.47
N ASP C 121 14.69 -23.03 -18.69
CA ASP C 121 13.92 -22.06 -19.46
C ASP C 121 12.56 -21.84 -18.80
N TYR C 122 12.54 -21.82 -17.48
CA TYR C 122 11.31 -21.83 -16.70
C TYR C 122 10.82 -20.39 -16.53
N GLY C 123 9.75 -20.05 -17.24
CA GLY C 123 9.11 -18.75 -17.06
C GLY C 123 10.09 -17.61 -17.27
N ASN C 124 9.96 -16.59 -16.43
CA ASN C 124 10.86 -15.45 -16.48
C ASN C 124 12.19 -15.72 -15.79
N GLU C 125 12.38 -16.92 -15.22
CA GLU C 125 13.66 -17.36 -14.69
C GLU C 125 14.21 -16.42 -13.63
N ASP C 126 13.31 -15.80 -12.87
N ASP C 126 13.32 -15.79 -12.87
CA ASP C 126 13.68 -14.81 -11.85
CA ASP C 126 13.70 -14.80 -11.85
C ASP C 126 13.27 -15.34 -10.48
C ASP C 126 13.28 -15.32 -10.49
N ILE C 127 14.26 -15.57 -9.62
CA ILE C 127 14.02 -16.08 -8.28
C ILE C 127 14.06 -14.95 -7.24
N SER C 128 13.86 -13.71 -7.65
CA SER C 128 13.95 -12.58 -6.73
C SER C 128 13.05 -12.78 -5.52
N GLY C 129 13.58 -12.49 -4.34
CA GLY C 129 12.87 -12.67 -3.09
C GLY C 129 13.60 -13.60 -2.15
N ASN C 130 12.91 -14.12 -1.15
CA ASN C 130 13.51 -15.13 -0.28
C ASN C 130 13.60 -16.46 -1.01
N VAL C 131 14.74 -17.13 -0.86
CA VAL C 131 14.96 -18.38 -1.55
C VAL C 131 13.94 -19.44 -1.14
N ASP C 132 13.33 -19.30 0.03
CA ASP C 132 12.41 -20.30 0.54
C ASP C 132 10.94 -19.90 0.40
N SER C 133 10.65 -18.90 -0.44
CA SER C 133 9.27 -18.50 -0.66
C SER C 133 9.06 -17.73 -1.96
N PHE C 134 10.09 -17.64 -2.81
CA PHE C 134 9.98 -16.79 -3.99
C PHE C 134 8.88 -17.26 -4.94
N TRP C 135 8.61 -18.56 -4.97
CA TRP C 135 7.53 -19.07 -5.82
C TRP C 135 6.15 -18.75 -5.26
N LEU C 136 6.07 -18.23 -4.04
CA LEU C 136 4.80 -17.84 -3.42
C LEU C 136 4.63 -16.32 -3.36
N ASP C 137 5.71 -15.57 -3.16
CA ASP C 137 5.61 -14.12 -3.06
C ASP C 137 6.83 -13.39 -3.60
N GLY C 138 7.61 -14.02 -4.47
CA GLY C 138 8.78 -13.42 -5.07
C GLY C 138 8.51 -12.95 -6.49
N GLY C 139 9.57 -12.93 -7.30
CA GLY C 139 9.49 -12.38 -8.63
C GLY C 139 9.27 -13.36 -9.75
N ILE C 140 9.18 -14.66 -9.47
CA ILE C 140 9.07 -15.66 -10.53
C ILE C 140 7.65 -15.66 -11.08
N ARG C 141 7.54 -15.73 -12.40
CA ARG C 141 6.26 -15.74 -13.11
C ARG C 141 6.34 -16.72 -14.27
N ILE C 142 5.22 -17.37 -14.56
CA ILE C 142 5.14 -18.31 -15.69
C ILE C 142 3.71 -18.35 -16.19
N SER C 143 3.56 -18.49 -17.50
CA SER C 143 2.26 -18.58 -18.14
C SER C 143 1.87 -20.04 -18.35
N ALA C 144 0.59 -20.24 -18.70
CA ALA C 144 0.12 -21.59 -19.00
C ALA C 144 0.84 -22.18 -20.21
N THR C 145 1.05 -21.35 -21.25
N THR C 145 1.05 -21.36 -21.24
CA THR C 145 1.79 -21.82 -22.41
CA THR C 145 1.79 -21.82 -22.41
C THR C 145 3.21 -22.21 -22.03
C THR C 145 3.22 -22.22 -22.04
N GLU C 146 3.88 -21.41 -21.21
CA GLU C 146 5.23 -21.74 -20.77
C GLU C 146 5.24 -22.98 -19.89
N GLN C 147 4.18 -23.21 -19.11
CA GLN C 147 4.09 -24.44 -18.32
C GLN C 147 4.10 -25.66 -19.23
N ILE C 148 3.38 -25.60 -20.34
CA ILE C 148 3.34 -26.74 -21.26
C ILE C 148 4.72 -26.99 -21.85
N SER C 149 5.40 -25.92 -22.27
N SER C 149 5.40 -25.92 -22.27
CA SER C 149 6.75 -26.07 -22.81
CA SER C 149 6.75 -26.06 -22.81
C SER C 149 7.66 -26.80 -21.83
C SER C 149 7.66 -26.80 -21.83
N PHE C 150 7.58 -26.43 -20.55
CA PHE C 150 8.39 -27.10 -19.54
C PHE C 150 7.98 -28.56 -19.38
N LEU C 151 6.67 -28.82 -19.30
CA LEU C 151 6.21 -30.19 -19.09
C LEU C 151 6.58 -31.08 -20.27
N ARG C 152 6.50 -30.56 -21.50
CA ARG C 152 6.87 -31.36 -22.66
C ARG C 152 8.33 -31.78 -22.59
N LYS C 153 9.21 -30.87 -22.16
CA LYS C 153 10.60 -31.23 -21.97
C LYS C 153 10.76 -32.31 -20.91
N LEU C 154 10.00 -32.21 -19.83
CA LEU C 154 10.07 -33.21 -18.77
C LEU C 154 9.60 -34.58 -19.26
N TYR C 155 8.52 -34.61 -20.03
CA TYR C 155 7.99 -35.89 -20.50
C TYR C 155 9.00 -36.62 -21.36
N HIS C 156 9.75 -35.90 -22.18
CA HIS C 156 10.74 -36.49 -23.08
C HIS C 156 12.11 -36.63 -22.42
N ASN C 157 12.20 -36.38 -21.11
CA ASN C 157 13.47 -36.47 -20.38
C ASN C 157 14.52 -35.56 -21.01
N LYS C 158 14.08 -34.40 -21.51
CA LYS C 158 14.96 -33.50 -22.23
C LYS C 158 15.47 -32.34 -21.39
N LEU C 159 14.97 -32.19 -20.17
CA LEU C 159 15.49 -31.18 -19.26
C LEU C 159 16.94 -31.49 -18.90
N HIS C 160 17.68 -30.44 -18.53
CA HIS C 160 19.11 -30.58 -18.24
C HIS C 160 19.32 -31.07 -16.81
N VAL C 161 18.75 -32.24 -16.53
CA VAL C 161 19.01 -33.02 -15.34
C VAL C 161 19.04 -34.48 -15.76
N SER C 162 19.41 -35.35 -14.82
CA SER C 162 19.53 -36.76 -15.14
C SER C 162 18.18 -37.34 -15.53
N GLU C 163 18.21 -38.41 -16.32
CA GLU C 163 16.99 -39.15 -16.64
C GLU C 163 16.34 -39.67 -15.37
N ARG C 164 17.15 -40.15 -14.42
CA ARG C 164 16.61 -40.66 -13.16
C ARG C 164 15.80 -39.60 -12.44
N SER C 165 16.36 -38.39 -12.30
CA SER C 165 15.65 -37.30 -11.63
C SER C 165 14.31 -37.05 -12.28
N GLN C 166 14.27 -37.07 -13.62
CA GLN C 166 13.02 -36.76 -14.32
C GLN C 166 12.01 -37.89 -14.17
N ARG C 167 12.47 -39.14 -14.20
CA ARG C 167 11.55 -40.27 -14.00
C ARG C 167 10.95 -40.24 -12.61
N ILE C 168 11.77 -39.97 -11.58
CA ILE C 168 11.27 -39.95 -10.21
C ILE C 168 10.19 -38.89 -10.05
N VAL C 169 10.43 -37.69 -10.60
CA VAL C 169 9.45 -36.60 -10.46
C VAL C 169 8.17 -36.94 -11.19
N LYS C 170 8.26 -37.55 -12.37
CA LYS C 170 7.06 -37.95 -13.09
C LYS C 170 6.27 -39.00 -12.32
N GLN C 171 6.97 -39.85 -11.57
CA GLN C 171 6.28 -40.75 -10.65
C GLN C 171 5.55 -39.96 -9.58
N ALA C 172 6.24 -38.99 -8.97
CA ALA C 172 5.64 -38.21 -7.89
C ALA C 172 4.44 -37.42 -8.37
N MET C 173 4.39 -37.07 -9.66
CA MET C 173 3.27 -36.33 -10.21
C MET C 173 2.03 -37.20 -10.44
N LEU C 174 2.14 -38.51 -10.29
CA LEU C 174 1.00 -39.40 -10.58
C LEU C 174 -0.21 -38.98 -9.77
N THR C 175 -1.31 -38.72 -10.46
CA THR C 175 -2.54 -38.23 -9.85
C THR C 175 -3.71 -39.18 -10.02
N GLU C 176 -3.90 -39.75 -11.21
CA GLU C 176 -5.05 -40.59 -11.49
C GLU C 176 -4.68 -41.59 -12.58
N ALA C 177 -5.22 -42.79 -12.49
CA ALA C 177 -4.94 -43.83 -13.47
C ALA C 177 -6.07 -44.84 -13.48
N ASN C 178 -6.47 -45.26 -14.68
CA ASN C 178 -7.47 -46.31 -14.86
C ASN C 178 -7.24 -46.96 -16.22
N GLY C 179 -8.20 -47.73 -16.69
CA GLY C 179 -8.06 -48.42 -17.96
C GLY C 179 -8.08 -47.51 -19.17
N ASP C 180 -8.45 -46.25 -19.00
CA ASP C 180 -8.63 -45.32 -20.11
C ASP C 180 -7.51 -44.30 -20.24
N TYR C 181 -6.95 -43.81 -19.14
CA TYR C 181 -5.96 -42.75 -19.21
C TYR C 181 -5.14 -42.72 -17.92
N ILE C 182 -4.02 -42.02 -17.99
CA ILE C 182 -3.18 -41.73 -16.83
C ILE C 182 -2.98 -40.22 -16.79
N ILE C 183 -3.10 -39.63 -15.62
CA ILE C 183 -2.89 -38.20 -15.42
C ILE C 183 -1.73 -38.00 -14.47
N ARG C 184 -0.72 -37.27 -14.92
CA ARG C 184 0.38 -36.80 -14.08
C ARG C 184 0.34 -35.28 -14.09
N ALA C 185 0.22 -34.69 -12.90
CA ALA C 185 -0.09 -33.27 -12.82
C ALA C 185 0.27 -32.76 -11.43
N LYS C 186 0.17 -31.44 -11.28
CA LYS C 186 0.44 -30.79 -10.00
C LYS C 186 -0.49 -29.59 -9.86
N THR C 187 -1.09 -29.45 -8.68
CA THR C 187 -1.99 -28.35 -8.37
C THR C 187 -1.20 -27.16 -7.84
N GLY C 188 -1.86 -26.00 -7.83
CA GLY C 188 -1.25 -24.78 -7.31
C GLY C 188 -2.32 -23.83 -6.82
N TYR C 189 -1.97 -23.03 -5.83
CA TYR C 189 -2.90 -22.08 -5.21
C TYR C 189 -2.10 -20.86 -4.77
N SER C 190 -2.19 -19.78 -5.55
CA SER C 190 -1.47 -18.53 -5.27
C SER C 190 -2.42 -17.55 -4.57
N THR C 191 -2.06 -17.16 -3.35
CA THR C 191 -2.90 -16.27 -2.54
C THR C 191 -2.22 -14.97 -2.12
N ARG C 192 -0.89 -14.89 -2.17
CA ARG C 192 -0.18 -13.79 -1.54
C ARG C 192 -0.13 -12.52 -2.40
N ILE C 193 -0.35 -12.63 -3.71
CA ILE C 193 -0.39 -11.48 -4.60
C ILE C 193 -1.59 -11.62 -5.53
N GLU C 194 -2.30 -10.52 -5.73
CA GLU C 194 -3.47 -10.56 -6.59
C GLU C 194 -3.06 -10.68 -8.05
N PRO C 195 -3.88 -11.35 -8.88
CA PRO C 195 -5.13 -12.02 -8.50
C PRO C 195 -4.88 -13.41 -7.93
N LYS C 196 -5.65 -13.78 -6.91
CA LYS C 196 -5.57 -15.14 -6.37
C LYS C 196 -6.05 -16.11 -7.43
N ILE C 197 -5.28 -17.18 -7.65
CA ILE C 197 -5.59 -18.13 -8.71
C ILE C 197 -5.28 -19.55 -8.26
N GLY C 198 -5.90 -20.51 -8.94
CA GLY C 198 -5.59 -21.91 -8.80
C GLY C 198 -4.99 -22.43 -10.09
N TRP C 199 -4.07 -23.38 -9.97
CA TRP C 199 -3.38 -23.98 -11.10
C TRP C 199 -3.73 -25.46 -11.20
N TRP C 200 -3.68 -25.99 -12.41
CA TRP C 200 -3.54 -27.43 -12.60
C TRP C 200 -2.82 -27.64 -13.93
N VAL C 201 -1.61 -28.20 -13.86
CA VAL C 201 -0.77 -28.41 -15.03
C VAL C 201 -0.31 -29.86 -15.05
N GLY C 202 -0.21 -30.42 -16.24
CA GLY C 202 0.22 -31.81 -16.38
C GLY C 202 -0.05 -32.33 -17.78
N TRP C 203 -0.32 -33.63 -17.86
CA TRP C 203 -0.65 -34.23 -19.14
C TRP C 203 -1.48 -35.49 -18.91
N VAL C 204 -2.16 -35.91 -19.98
CA VAL C 204 -2.97 -37.12 -19.99
C VAL C 204 -2.32 -38.11 -20.95
N GLU C 205 -1.98 -39.29 -20.44
CA GLU C 205 -1.38 -40.33 -21.27
C GLU C 205 -2.46 -41.25 -21.80
N LEU C 206 -2.50 -41.40 -23.12
CA LEU C 206 -3.37 -42.36 -23.78
C LEU C 206 -2.52 -43.48 -24.38
N ASP C 207 -3.20 -44.51 -24.89
CA ASP C 207 -2.49 -45.64 -25.49
C ASP C 207 -1.52 -45.17 -26.57
N ASP C 208 -1.92 -44.18 -27.38
CA ASP C 208 -1.16 -43.81 -28.56
C ASP C 208 -1.04 -42.30 -28.71
N ASN C 209 -1.11 -41.55 -27.61
CA ASN C 209 -1.00 -40.10 -27.68
C ASN C 209 -0.94 -39.54 -26.27
N VAL C 210 -0.51 -38.29 -26.16
N VAL C 210 -0.50 -38.30 -26.16
CA VAL C 210 -0.44 -37.59 -24.88
CA VAL C 210 -0.42 -37.57 -24.89
C VAL C 210 -0.98 -36.18 -25.08
C VAL C 210 -0.99 -36.18 -25.10
N TRP C 211 -1.87 -35.76 -24.20
CA TRP C 211 -2.45 -34.42 -24.22
C TRP C 211 -1.92 -33.63 -23.02
N PHE C 212 -1.06 -32.65 -23.29
CA PHE C 212 -0.59 -31.76 -22.24
C PHE C 212 -1.64 -30.71 -21.94
N PHE C 213 -1.72 -30.31 -20.67
CA PHE C 213 -2.69 -29.31 -20.26
C PHE C 213 -2.08 -28.40 -19.19
N ALA C 214 -2.53 -27.15 -19.20
CA ALA C 214 -2.22 -26.20 -18.14
C ALA C 214 -3.40 -25.25 -18.01
N MET C 215 -3.87 -25.04 -16.79
CA MET C 215 -5.03 -24.18 -16.55
C MET C 215 -4.80 -23.34 -15.31
N ASN C 216 -5.35 -22.13 -15.32
CA ASN C 216 -5.48 -21.36 -14.09
C ASN C 216 -6.83 -20.64 -14.13
N MET C 217 -7.29 -20.25 -12.94
CA MET C 217 -8.59 -19.64 -12.79
C MET C 217 -8.59 -18.77 -11.53
N ASP C 218 -9.42 -17.73 -11.55
CA ASP C 218 -9.58 -16.88 -10.37
C ASP C 218 -10.10 -17.70 -9.20
N MET C 219 -9.54 -17.46 -8.02
CA MET C 219 -9.83 -18.26 -6.83
C MET C 219 -9.96 -17.32 -5.64
N PRO C 220 -11.07 -16.59 -5.53
CA PRO C 220 -11.20 -15.65 -4.40
C PRO C 220 -11.23 -16.31 -3.05
N THR C 221 -11.66 -17.57 -2.96
CA THR C 221 -11.65 -18.32 -1.71
C THR C 221 -11.22 -19.75 -2.00
N SER C 222 -10.75 -20.42 -0.95
CA SER C 222 -10.35 -21.82 -1.08
C SER C 222 -11.53 -22.74 -1.36
N ASP C 223 -12.77 -22.25 -1.22
CA ASP C 223 -13.94 -23.10 -1.40
C ASP C 223 -14.04 -23.66 -2.82
N GLY C 224 -13.49 -22.96 -3.80
CA GLY C 224 -13.58 -23.36 -5.19
C GLY C 224 -12.41 -24.15 -5.73
N LEU C 225 -11.52 -24.63 -4.87
CA LEU C 225 -10.31 -25.31 -5.35
C LEU C 225 -10.64 -26.53 -6.20
N GLY C 226 -11.70 -27.25 -5.85
CA GLY C 226 -12.07 -28.44 -6.59
C GLY C 226 -12.43 -28.17 -8.05
N LEU C 227 -12.74 -26.92 -8.40
CA LEU C 227 -13.09 -26.60 -9.78
C LEU C 227 -11.90 -26.65 -10.72
N ARG C 228 -10.67 -26.58 -10.18
CA ARG C 228 -9.49 -26.67 -11.05
C ARG C 228 -9.50 -27.96 -11.84
N GLN C 229 -9.69 -29.09 -11.16
CA GLN C 229 -9.69 -30.38 -11.85
C GLN C 229 -11.01 -30.62 -12.59
N ALA C 230 -12.13 -30.21 -12.00
CA ALA C 230 -13.43 -30.50 -12.61
C ALA C 230 -13.58 -29.79 -13.95
N ILE C 231 -13.25 -28.49 -13.99
CA ILE C 231 -13.36 -27.75 -15.24
C ILE C 231 -12.41 -28.33 -16.28
N THR C 232 -11.18 -28.66 -15.88
CA THR C 232 -10.24 -29.26 -16.81
C THR C 232 -10.79 -30.55 -17.39
N LYS C 233 -11.34 -31.42 -16.53
CA LYS C 233 -11.84 -32.70 -17.02
C LYS C 233 -13.06 -32.52 -17.91
N GLU C 234 -13.86 -31.48 -17.68
CA GLU C 234 -15.00 -31.24 -18.57
C GLU C 234 -14.56 -30.81 -19.95
N VAL C 235 -13.46 -30.07 -20.06
CA VAL C 235 -12.90 -29.74 -21.37
C VAL C 235 -12.38 -31.00 -22.03
N LEU C 236 -11.60 -31.80 -21.28
CA LEU C 236 -11.11 -33.07 -21.82
C LEU C 236 -12.27 -33.94 -22.28
N LYS C 237 -13.33 -34.03 -21.48
CA LYS C 237 -14.52 -34.78 -21.89
C LYS C 237 -15.11 -34.21 -23.18
N GLN C 238 -15.28 -32.88 -23.23
CA GLN C 238 -15.86 -32.25 -24.42
C GLN C 238 -15.06 -32.58 -25.67
N GLU C 239 -13.74 -32.50 -25.58
CA GLU C 239 -12.90 -32.81 -26.73
C GLU C 239 -12.71 -34.31 -26.93
N LYS C 240 -13.43 -35.13 -26.16
CA LYS C 240 -13.41 -36.58 -26.33
C LYS C 240 -12.02 -37.17 -26.11
N ILE C 241 -11.22 -36.49 -25.29
CA ILE C 241 -9.90 -37.03 -24.92
C ILE C 241 -10.06 -38.09 -23.85
N ILE C 242 -11.04 -37.95 -22.97
CA ILE C 242 -11.35 -38.96 -21.96
C ILE C 242 -12.86 -39.20 -21.97
N PRO C 243 -13.33 -40.39 -21.57
CA PRO C 243 -14.78 -40.66 -21.57
C PRO C 243 -15.52 -39.81 -20.54
N LYS D 1 -7.92 32.85 -6.02
CA LYS D 1 -7.04 31.79 -6.48
C LYS D 1 -6.15 31.27 -5.35
N GLU D 2 -6.14 31.99 -4.23
CA GLU D 2 -5.38 31.58 -3.06
C GLU D 2 -6.22 31.65 -1.80
N TRP D 3 -7.20 32.54 -1.79
CA TRP D 3 -8.19 32.64 -0.72
C TRP D 3 -9.57 32.76 -1.35
N GLN D 4 -10.56 32.21 -0.66
CA GLN D 4 -11.93 32.24 -1.15
C GLN D 4 -12.89 32.42 0.01
N GLU D 5 -13.93 33.21 -0.23
CA GLU D 5 -14.95 33.48 0.76
C GLU D 5 -16.16 32.60 0.47
N ASN D 6 -16.66 31.93 1.51
CA ASN D 6 -17.83 31.06 1.40
C ASN D 6 -18.83 31.54 2.44
N LYS D 7 -19.76 32.41 2.01
CA LYS D 7 -20.72 32.99 2.93
C LYS D 7 -21.80 32.00 3.35
N SER D 8 -21.89 30.84 2.70
CA SER D 8 -22.84 29.83 3.15
C SER D 8 -22.55 29.39 4.58
N TRP D 9 -21.28 29.45 4.98
CA TRP D 9 -20.92 29.08 6.35
C TRP D 9 -21.55 30.00 7.39
N ASN D 10 -21.96 31.20 7.01
CA ASN D 10 -22.57 32.11 7.97
C ASN D 10 -23.81 31.50 8.60
N ALA D 11 -24.47 30.57 7.90
CA ALA D 11 -25.64 29.91 8.47
C ALA D 11 -25.31 29.21 9.78
N HIS D 12 -24.09 28.67 9.89
CA HIS D 12 -23.69 27.95 11.09
C HIS D 12 -23.55 28.89 12.29
N PHE D 13 -23.31 30.19 12.06
CA PHE D 13 -23.29 31.16 13.13
C PHE D 13 -24.69 31.70 13.42
N THR D 14 -25.41 32.12 12.37
CA THR D 14 -26.76 32.64 12.59
C THR D 14 -27.68 31.58 13.14
N GLU D 15 -27.36 30.30 12.90
CA GLU D 15 -28.09 29.20 13.51
C GLU D 15 -28.20 29.39 15.03
N HIS D 16 -27.14 29.91 15.65
CA HIS D 16 -27.12 30.11 17.09
C HIS D 16 -27.22 31.58 17.48
N LYS D 17 -27.74 32.43 16.58
CA LYS D 17 -27.85 33.86 16.85
C LYS D 17 -26.50 34.42 17.29
N SER D 18 -25.43 33.95 16.65
CA SER D 18 -24.06 34.33 17.00
C SER D 18 -23.37 34.91 15.78
N GLN D 19 -22.14 35.38 15.98
CA GLN D 19 -21.35 36.00 14.93
C GLN D 19 -19.89 35.63 15.13
N GLY D 20 -19.19 35.38 14.03
CA GLY D 20 -17.79 35.02 14.10
C GLY D 20 -17.27 34.64 12.73
N VAL D 21 -16.03 34.15 12.73
CA VAL D 21 -15.36 33.74 11.50
C VAL D 21 -14.78 32.35 11.70
N VAL D 22 -14.81 31.53 10.65
CA VAL D 22 -14.04 30.30 10.56
C VAL D 22 -13.09 30.45 9.38
N VAL D 23 -11.82 30.10 9.59
CA VAL D 23 -10.81 30.13 8.55
C VAL D 23 -10.20 28.74 8.43
N LEU D 24 -10.13 28.23 7.20
CA LEU D 24 -9.52 26.94 6.91
C LEU D 24 -8.38 27.12 5.92
N TRP D 25 -7.37 26.26 6.05
CA TRP D 25 -6.23 26.26 5.13
C TRP D 25 -5.92 24.83 4.71
N ASN D 26 -5.98 24.57 3.41
CA ASN D 26 -5.62 23.27 2.86
C ASN D 26 -4.12 23.26 2.59
N GLU D 27 -3.38 22.48 3.38
CA GLU D 27 -1.92 22.48 3.27
C GLU D 27 -1.46 21.92 1.94
N ASN D 28 -2.08 20.82 1.48
CA ASN D 28 -1.70 20.25 0.19
C ASN D 28 -1.92 21.24 -0.95
N LYS D 29 -3.08 21.89 -0.96
CA LYS D 29 -3.49 22.79 -2.03
C LYS D 29 -3.01 24.22 -1.82
N GLN D 30 -2.48 24.55 -0.64
CA GLN D 30 -2.05 25.92 -0.36
C GLN D 30 -3.17 26.90 -0.68
N GLN D 31 -4.37 26.58 -0.22
CA GLN D 31 -5.56 27.38 -0.45
C GLN D 31 -6.28 27.59 0.86
N GLY D 32 -6.78 28.81 1.05
CA GLY D 32 -7.51 29.15 2.25
C GLY D 32 -8.98 29.41 1.98
N PHE D 33 -9.81 29.23 3.00
CA PHE D 33 -11.26 29.40 2.88
C PHE D 33 -11.78 30.01 4.16
N THR D 34 -12.75 30.93 4.03
CA THR D 34 -13.33 31.57 5.20
C THR D 34 -14.71 32.11 4.84
N ASN D 35 -15.52 32.32 5.87
CA ASN D 35 -16.84 32.93 5.70
C ASN D 35 -16.79 34.45 5.69
N ASN D 36 -15.69 35.04 6.14
CA ASN D 36 -15.59 36.49 6.28
C ASN D 36 -14.11 36.84 6.17
N LEU D 37 -13.70 37.27 4.97
CA LEU D 37 -12.29 37.52 4.72
C LEU D 37 -11.74 38.64 5.59
N LYS D 38 -12.57 39.66 5.87
CA LYS D 38 -12.10 40.78 6.68
C LYS D 38 -11.92 40.37 8.14
N ARG D 39 -12.90 39.68 8.71
CA ARG D 39 -12.76 39.27 10.11
C ARG D 39 -11.70 38.20 10.28
N ALA D 40 -11.42 37.43 9.23
CA ALA D 40 -10.31 36.50 9.27
C ALA D 40 -9.00 37.20 9.56
N ASN D 41 -8.88 38.47 9.16
CA ASN D 41 -7.68 39.26 9.35
C ASN D 41 -7.82 40.26 10.49
N GLN D 42 -8.89 40.17 11.26
CA GLN D 42 -9.08 41.05 12.41
C GLN D 42 -8.35 40.50 13.63
N ALA D 43 -7.63 41.37 14.32
CA ALA D 43 -6.72 40.97 15.39
C ALA D 43 -7.38 41.16 16.76
N PHE D 44 -7.36 40.11 17.57
CA PHE D 44 -7.91 40.13 18.92
C PHE D 44 -6.86 39.69 19.92
N LEU D 45 -7.16 39.90 21.19
CA LEU D 45 -6.36 39.31 22.24
C LEU D 45 -6.37 37.79 22.06
N PRO D 46 -5.21 37.12 22.07
CA PRO D 46 -5.22 35.67 21.88
C PRO D 46 -5.79 34.90 23.06
N ALA D 47 -5.81 35.48 24.25
CA ALA D 47 -6.25 34.78 25.45
C ALA D 47 -5.51 33.46 25.59
N SER D 48 -6.20 32.38 25.94
CA SER D 48 -5.53 31.13 26.28
C SER D 48 -4.96 30.40 25.07
N THR D 49 -5.25 30.83 23.85
CA THR D 49 -4.51 30.29 22.71
C THR D 49 -3.04 30.65 22.77
N PHE D 50 -2.68 31.65 23.58
CA PHE D 50 -1.30 32.05 23.75
C PHE D 50 -0.50 30.99 24.52
N KCX D 51 -1.21 29.99 25.05
CA KCX D 51 -0.55 28.92 25.79
CB KCX D 51 -1.57 28.07 26.54
CG KCX D 51 -2.10 28.74 27.81
CD KCX D 51 -3.12 27.86 28.53
CE KCX D 51 -3.59 28.51 29.82
NZ KCX D 51 -4.42 29.72 29.59
C KCX D 51 0.31 28.04 24.88
O KCX D 51 1.20 27.32 25.35
CX KCX D 51 -3.89 30.95 29.67
OQ1 KCX D 51 -2.70 31.11 29.93
OQ2 KCX D 51 -4.62 31.93 29.47
N ILE D 52 0.04 28.11 23.57
CA ILE D 52 0.85 27.38 22.59
C ILE D 52 2.25 27.98 22.54
N PRO D 53 2.38 29.26 22.17
CA PRO D 53 3.72 29.87 22.17
C PRO D 53 4.33 29.95 23.56
N ASN D 54 3.51 30.19 24.58
CA ASN D 54 4.03 30.25 25.95
C ASN D 54 4.66 28.91 26.35
N SER D 55 4.00 27.80 26.01
CA SER D 55 4.56 26.49 26.28
C SER D 55 5.89 26.30 25.57
N LEU D 56 5.96 26.64 24.29
CA LEU D 56 7.19 26.47 23.53
C LEU D 56 8.34 27.19 24.20
N ILE D 57 8.13 28.45 24.58
CA ILE D 57 9.20 29.26 25.17
C ILE D 57 9.65 28.64 26.50
N ALA D 58 8.69 28.27 27.35
CA ALA D 58 9.05 27.70 28.64
C ALA D 58 9.87 26.42 28.46
N LEU D 59 9.48 25.58 27.51
CA LEU D 59 10.20 24.33 27.28
C LEU D 59 11.61 24.60 26.73
N ASP D 60 11.73 25.51 25.76
CA ASP D 60 13.01 25.72 25.11
C ASP D 60 14.01 26.42 26.04
N LEU D 61 13.51 27.20 27.00
CA LEU D 61 14.37 27.89 27.96
C LEU D 61 14.65 27.07 29.20
N GLY D 62 13.99 25.93 29.38
CA GLY D 62 14.20 25.09 30.54
C GLY D 62 13.31 25.42 31.72
N VAL D 63 12.43 26.40 31.59
CA VAL D 63 11.46 26.66 32.66
C VAL D 63 10.62 25.42 32.92
N VAL D 64 10.26 24.71 31.85
CA VAL D 64 9.57 23.43 31.94
C VAL D 64 10.53 22.37 31.43
N LYS D 65 10.81 21.37 32.28
CA LYS D 65 11.77 20.32 31.92
C LYS D 65 11.19 19.37 30.89
N ASP D 66 9.96 18.92 31.10
CA ASP D 66 9.29 18.05 30.15
C ASP D 66 7.80 18.04 30.49
N GLU D 67 7.05 17.22 29.75
CA GLU D 67 5.60 17.20 29.89
C GLU D 67 5.13 16.49 31.16
N HIS D 68 6.04 15.89 31.93
CA HIS D 68 5.67 15.23 33.18
C HIS D 68 5.91 16.10 34.41
N GLN D 69 6.72 17.15 34.30
CA GLN D 69 7.03 17.97 35.47
C GLN D 69 5.76 18.51 36.11
N VAL D 70 5.68 18.38 37.43
CA VAL D 70 4.50 18.76 38.19
C VAL D 70 4.64 20.20 38.66
N PHE D 71 3.59 21.00 38.46
CA PHE D 71 3.51 22.37 38.96
C PHE D 71 2.41 22.41 40.01
N LYS D 72 2.81 22.48 41.28
CA LYS D 72 1.87 22.27 42.37
C LYS D 72 0.94 23.47 42.54
N TRP D 73 -0.31 23.17 42.88
CA TRP D 73 -1.28 24.19 43.26
C TRP D 73 -0.70 25.10 44.33
N ASP D 74 -0.91 26.40 44.18
CA ASP D 74 -0.41 27.38 45.15
C ASP D 74 -1.34 27.55 46.34
N GLY D 75 -2.38 26.73 46.45
CA GLY D 75 -3.29 26.80 47.58
C GLY D 75 -4.40 27.83 47.46
N GLN D 76 -4.41 28.63 46.40
CA GLN D 76 -5.42 29.67 46.22
C GLN D 76 -6.64 29.07 45.54
N THR D 77 -7.76 29.01 46.26
CA THR D 77 -8.99 28.50 45.69
C THR D 77 -9.54 29.51 44.68
N ARG D 78 -9.65 29.09 43.42
CA ARG D 78 -10.18 29.93 42.35
C ARG D 78 -11.53 29.39 41.90
N ASP D 79 -12.23 30.18 41.08
CA ASP D 79 -13.60 29.85 40.73
C ASP D 79 -13.69 28.66 39.77
N ILE D 80 -12.58 28.24 39.19
CA ILE D 80 -12.57 27.10 38.26
C ILE D 80 -12.00 25.91 39.03
N ALA D 81 -12.83 24.86 39.20
CA ALA D 81 -12.44 23.74 40.05
C ALA D 81 -11.18 23.06 39.54
N THR D 82 -11.08 22.84 38.22
CA THR D 82 -9.94 22.10 37.67
C THR D 82 -8.62 22.83 37.90
N TRP D 83 -8.63 24.09 38.31
CA TRP D 83 -7.40 24.83 38.56
C TRP D 83 -6.84 24.60 39.95
N ASN D 84 -7.66 24.17 40.90
CA ASN D 84 -7.23 24.01 42.29
C ASN D 84 -6.69 22.59 42.52
N ARG D 85 -5.62 22.27 41.79
CA ARG D 85 -4.99 20.95 41.87
C ARG D 85 -3.65 21.02 41.14
N ASP D 86 -2.83 20.00 41.36
CA ASP D 86 -1.54 19.94 40.69
C ASP D 86 -1.73 19.67 39.20
N HIS D 87 -0.78 20.15 38.40
CA HIS D 87 -0.87 20.02 36.95
C HIS D 87 0.51 19.78 36.36
N ASN D 88 0.51 19.16 35.18
CA ASN D 88 1.66 19.12 34.28
C ASN D 88 1.29 19.86 33.00
N LEU D 89 2.24 19.91 32.06
CA LEU D 89 1.99 20.63 30.81
C LEU D 89 0.75 20.11 30.11
N ILE D 90 0.55 18.79 30.09
CA ILE D 90 -0.60 18.21 29.38
C ILE D 90 -1.91 18.70 30.00
N THR D 91 -2.07 18.50 31.30
CA THR D 91 -3.32 18.86 31.95
C THR D 91 -3.46 20.38 32.05
N ALA D 92 -2.35 21.10 32.18
CA ALA D 92 -2.41 22.56 32.22
C ALA D 92 -2.99 23.13 30.95
N MET D 93 -2.65 22.56 29.79
CA MET D 93 -3.24 23.01 28.53
C MET D 93 -4.66 22.50 28.38
N LYS D 94 -4.90 21.24 28.75
CA LYS D 94 -6.23 20.66 28.62
C LYS D 94 -7.27 21.50 29.35
N TYR D 95 -6.91 22.02 30.52
CA TYR D 95 -7.84 22.76 31.36
C TYR D 95 -7.58 24.26 31.38
N SER D 96 -6.67 24.75 30.52
CA SER D 96 -6.39 26.18 30.41
C SER D 96 -6.14 26.80 31.78
N VAL D 97 -5.14 26.25 32.48
CA VAL D 97 -4.84 26.68 33.84
C VAL D 97 -4.01 27.96 33.79
N VAL D 98 -4.70 29.10 33.86
CA VAL D 98 -4.01 30.40 33.76
C VAL D 98 -2.89 30.53 34.79
N PRO D 99 -3.12 30.31 36.09
CA PRO D 99 -2.06 30.60 37.07
C PRO D 99 -0.77 29.83 36.82
N VAL D 100 -0.85 28.62 36.28
CA VAL D 100 0.36 27.88 35.95
C VAL D 100 1.17 28.63 34.90
N TYR D 101 0.50 29.08 33.83
CA TYR D 101 1.19 29.77 32.75
C TYR D 101 1.61 31.18 33.12
N GLN D 102 0.94 31.80 34.10
CA GLN D 102 1.43 33.07 34.61
C GLN D 102 2.78 32.90 35.30
N GLU D 103 2.97 31.78 36.00
CA GLU D 103 4.26 31.50 36.62
C GLU D 103 5.33 31.27 35.56
N PHE D 104 4.99 30.53 34.49
CA PHE D 104 5.90 30.39 33.36
C PHE D 104 6.33 31.76 32.85
N ALA D 105 5.36 32.64 32.60
CA ALA D 105 5.66 33.95 32.03
C ALA D 105 6.63 34.72 32.93
N ARG D 106 6.39 34.71 34.24
CA ARG D 106 7.27 35.42 35.15
C ARG D 106 8.69 34.89 35.10
N GLN D 107 8.85 33.57 35.02
CA GLN D 107 10.21 33.00 34.95
C GLN D 107 10.83 33.26 33.58
N ILE D 108 10.02 33.30 32.53
CA ILE D 108 10.54 33.66 31.21
C ILE D 108 11.11 35.07 31.24
N GLY D 109 10.31 36.02 31.71
CA GLY D 109 10.74 37.40 31.79
C GLY D 109 10.34 38.20 30.56
N GLU D 110 10.21 39.51 30.75
CA GLU D 110 9.80 40.39 29.66
C GLU D 110 10.74 40.27 28.47
N ALA D 111 12.05 40.41 28.70
CA ALA D 111 13.01 40.48 27.62
C ALA D 111 12.94 39.23 26.73
N ARG D 112 13.04 38.06 27.33
CA ARG D 112 13.06 36.83 26.54
C ARG D 112 11.69 36.56 25.90
N MET D 113 10.61 36.90 26.60
CA MET D 113 9.28 36.72 26.03
C MET D 113 9.11 37.58 24.78
N SER D 114 9.51 38.84 24.85
CA SER D 114 9.37 39.74 23.71
C SER D 114 10.18 39.24 22.51
N LYS D 115 11.46 38.94 22.73
CA LYS D 115 12.31 38.48 21.64
C LYS D 115 11.72 37.26 20.94
N MET D 116 11.28 36.27 21.71
N MET D 116 11.29 36.26 21.72
CA MET D 116 10.84 35.01 21.12
CA MET D 116 10.82 35.01 21.14
C MET D 116 9.56 35.20 20.30
C MET D 116 9.56 35.21 20.30
N LEU D 117 8.65 36.07 20.75
CA LEU D 117 7.46 36.34 19.96
C LEU D 117 7.81 37.05 18.67
N HIS D 118 8.84 37.91 18.68
CA HIS D 118 9.35 38.46 17.44
C HIS D 118 9.95 37.34 16.57
N ALA D 119 10.69 36.42 17.19
CA ALA D 119 11.25 35.30 16.44
C ALA D 119 10.15 34.42 15.87
N PHE D 120 9.04 34.26 16.60
CA PHE D 120 7.90 33.51 16.11
C PHE D 120 7.08 34.26 15.06
N ASP D 121 7.32 35.56 14.88
CA ASP D 121 6.51 36.37 13.98
C ASP D 121 5.05 36.35 14.43
N TYR D 122 4.84 36.37 15.73
CA TYR D 122 3.52 36.14 16.35
C TYR D 122 2.75 37.45 16.44
N GLY D 123 1.74 37.60 15.58
CA GLY D 123 0.84 38.74 15.69
C GLY D 123 1.57 40.07 15.63
N ASN D 124 1.11 41.01 16.46
CA ASN D 124 1.75 42.32 16.56
C ASN D 124 2.98 42.33 17.46
N GLU D 125 3.33 41.19 18.05
CA GLU D 125 4.58 41.02 18.80
C GLU D 125 4.70 42.00 19.96
N ASP D 126 3.59 42.55 20.43
CA ASP D 126 3.59 43.55 21.49
C ASP D 126 3.16 42.88 22.80
N ILE D 127 4.07 42.82 23.76
CA ILE D 127 3.77 42.24 25.07
C ILE D 127 3.46 43.31 26.12
N SER D 128 3.08 44.51 25.67
CA SER D 128 2.82 45.61 26.59
C SER D 128 1.80 45.20 27.64
N GLY D 129 2.10 45.54 28.90
CA GLY D 129 1.25 45.16 30.01
C GLY D 129 2.00 44.36 31.05
N ASN D 130 1.28 43.65 31.90
CA ASN D 130 1.93 42.76 32.86
C ASN D 130 2.50 41.55 32.12
N VAL D 131 3.73 41.19 32.46
CA VAL D 131 4.37 40.05 31.80
C VAL D 131 3.57 38.78 32.02
N ASP D 132 2.76 38.72 33.07
CA ASP D 132 2.02 37.52 33.43
C ASP D 132 0.52 37.62 33.11
N SER D 133 0.12 38.56 32.25
CA SER D 133 -1.29 38.65 31.85
C SER D 133 -1.51 39.41 30.56
N PHE D 134 -0.43 39.76 29.85
CA PHE D 134 -0.57 40.63 28.68
C PHE D 134 -1.41 39.97 27.59
N TRP D 135 -1.40 38.64 27.50
CA TRP D 135 -2.24 37.95 26.52
C TRP D 135 -3.71 37.93 26.90
N LEU D 136 -4.05 38.34 28.12
CA LEU D 136 -5.43 38.43 28.55
C LEU D 136 -5.95 39.86 28.63
N ASP D 137 -5.10 40.82 28.99
CA ASP D 137 -5.54 42.21 29.12
C ASP D 137 -4.43 43.20 28.75
N GLY D 138 -3.43 42.78 27.99
CA GLY D 138 -2.36 43.64 27.54
C GLY D 138 -2.52 44.09 26.11
N GLY D 139 -1.40 44.35 25.45
CA GLY D 139 -1.41 44.92 24.12
C GLY D 139 -1.24 43.97 22.97
N ILE D 140 -1.07 42.67 23.22
CA ILE D 140 -0.81 41.74 22.14
C ILE D 140 -2.10 41.45 21.38
N ARG D 141 -2.00 41.38 20.06
CA ARG D 141 -3.14 41.12 19.20
C ARG D 141 -2.71 40.19 18.07
N ILE D 142 -3.62 39.31 17.66
CA ILE D 142 -3.35 38.36 16.58
C ILE D 142 -4.66 38.01 15.91
N SER D 143 -4.63 37.86 14.59
CA SER D 143 -5.80 37.51 13.80
C SER D 143 -5.85 36.00 13.55
N ALA D 144 -6.99 35.55 13.03
CA ALA D 144 -7.17 34.13 12.71
C ALA D 144 -6.18 33.68 11.64
N THR D 145 -5.97 34.49 10.60
CA THR D 145 -5.02 34.10 9.56
C THR D 145 -3.59 34.10 10.07
N GLU D 146 -3.28 34.96 11.04
CA GLU D 146 -1.95 34.96 11.63
C GLU D 146 -1.76 33.75 12.55
N GLN D 147 -2.83 33.30 13.20
CA GLN D 147 -2.75 32.08 13.99
C GLN D 147 -2.38 30.90 13.11
N ILE D 148 -2.99 30.80 11.92
CA ILE D 148 -2.70 29.68 11.02
C ILE D 148 -1.25 29.71 10.58
N SER D 149 -0.74 30.89 10.22
CA SER D 149 0.65 30.99 9.80
C SER D 149 1.58 30.47 10.89
N PHE D 150 1.33 30.89 12.13
CA PHE D 150 2.12 30.41 13.26
C PHE D 150 1.97 28.89 13.40
N LEU D 151 0.75 28.40 13.31
CA LEU D 151 0.50 26.96 13.50
C LEU D 151 1.17 26.13 12.40
N ARG D 152 1.17 26.63 11.16
CA ARG D 152 1.82 25.89 10.09
C ARG D 152 3.32 25.75 10.36
N LYS D 153 3.95 26.81 10.86
CA LYS D 153 5.36 26.72 11.22
C LYS D 153 5.57 25.69 12.31
N LEU D 154 4.68 25.64 13.31
CA LEU D 154 4.79 24.66 14.38
C LEU D 154 4.64 23.24 13.85
N TYR D 155 3.69 23.02 12.94
CA TYR D 155 3.47 21.68 12.41
C TYR D 155 4.70 21.16 11.70
N HIS D 156 5.40 22.03 10.97
CA HIS D 156 6.58 21.63 10.20
C HIS D 156 7.87 21.74 11.00
N ASN D 157 7.79 21.96 12.31
CA ASN D 157 8.97 22.09 13.17
C ASN D 157 9.87 23.22 12.68
N LYS D 158 9.27 24.29 12.17
CA LYS D 158 10.02 25.39 11.58
C LYS D 158 10.18 26.59 12.50
N LEU D 159 9.52 26.60 13.67
CA LEU D 159 9.75 27.67 14.61
C LEU D 159 11.18 27.62 15.13
N HIS D 160 11.69 28.78 15.55
CA HIS D 160 13.08 28.89 15.98
C HIS D 160 13.21 28.49 17.44
N VAL D 161 12.83 27.24 17.69
CA VAL D 161 13.09 26.54 18.94
C VAL D 161 13.47 25.11 18.56
N SER D 162 13.87 24.32 19.57
CA SER D 162 14.31 22.97 19.28
C SER D 162 13.16 22.14 18.72
N GLU D 163 13.51 21.12 17.94
CA GLU D 163 12.49 20.18 17.46
C GLU D 163 11.78 19.53 18.64
N ARG D 164 12.53 19.22 19.70
CA ARG D 164 11.93 18.62 20.88
C ARG D 164 10.83 19.50 21.46
N SER D 165 11.12 20.79 21.65
CA SER D 165 10.11 21.70 22.19
C SER D 165 8.83 21.67 21.37
N GLN D 166 8.95 21.67 20.04
CA GLN D 166 7.77 21.72 19.20
C GLN D 166 6.99 20.41 19.24
N ARG D 167 7.69 19.28 19.28
CA ARG D 167 7.00 17.99 19.38
C ARG D 167 6.21 17.89 20.68
N ILE D 168 6.81 18.33 21.80
CA ILE D 168 6.14 18.24 23.09
C ILE D 168 4.85 19.06 23.08
N VAL D 169 4.91 20.28 22.54
CA VAL D 169 3.73 21.14 22.53
C VAL D 169 2.64 20.55 21.65
N LYS D 170 3.02 20.00 20.50
CA LYS D 170 2.02 19.38 19.63
C LYS D 170 1.37 18.18 20.30
N GLN D 171 2.13 17.44 21.11
CA GLN D 171 1.54 16.40 21.94
C GLN D 171 0.55 17.00 22.94
N ALA D 172 0.96 18.07 23.62
CA ALA D 172 0.08 18.69 24.62
C ALA D 172 -1.18 19.26 23.97
N MET D 173 -1.12 19.64 22.70
CA MET D 173 -2.27 20.17 21.99
C MET D 173 -3.29 19.08 21.60
N LEU D 174 -2.95 17.81 21.77
CA LEU D 174 -3.83 16.73 21.34
C LEU D 174 -5.20 16.87 21.97
N THR D 175 -6.23 16.94 21.14
CA THR D 175 -7.61 17.16 21.58
C THR D 175 -8.54 16.00 21.27
N GLU D 176 -8.46 15.43 20.07
CA GLU D 176 -9.36 14.37 19.66
C GLU D 176 -8.67 13.49 18.63
N ALA D 177 -8.98 12.20 18.67
CA ALA D 177 -8.38 11.26 17.73
C ALA D 177 -9.30 10.04 17.60
N ASN D 178 -9.46 9.58 16.37
CA ASN D 178 -10.21 8.37 16.07
C ASN D 178 -9.67 7.81 14.76
N GLY D 179 -10.39 6.85 14.18
CA GLY D 179 -9.96 6.25 12.94
C GLY D 179 -10.04 7.17 11.74
N ASP D 180 -10.69 8.33 11.88
CA ASP D 180 -10.92 9.22 10.75
C ASP D 180 -10.05 10.47 10.74
N TYR D 181 -9.71 11.03 11.90
CA TYR D 181 -8.94 12.26 11.93
C TYR D 181 -8.27 12.42 13.28
N ILE D 182 -7.30 13.35 13.32
CA ILE D 182 -6.67 13.80 14.55
C ILE D 182 -6.77 15.32 14.60
N ILE D 183 -7.14 15.85 15.76
CA ILE D 183 -7.22 17.30 15.97
C ILE D 183 -6.26 17.67 17.08
N ARG D 184 -5.35 18.60 16.79
CA ARG D 184 -4.50 19.24 17.77
C ARG D 184 -4.86 20.71 17.78
N ALA D 185 -5.27 21.24 18.93
CA ALA D 185 -5.87 22.56 18.96
C ALA D 185 -5.81 23.11 20.38
N LYS D 186 -6.19 24.38 20.51
CA LYS D 186 -6.23 25.07 21.80
C LYS D 186 -7.40 26.06 21.79
N THR D 187 -8.17 26.06 22.87
CA THR D 187 -9.28 26.99 23.02
C THR D 187 -8.80 28.30 23.65
N GLY D 188 -9.64 29.32 23.52
CA GLY D 188 -9.35 30.62 24.12
C GLY D 188 -10.63 31.36 24.42
N TYR D 189 -10.58 32.18 25.47
CA TYR D 189 -11.76 32.92 25.92
C TYR D 189 -11.27 34.24 26.50
N SER D 190 -11.46 35.32 25.73
CA SER D 190 -11.03 36.66 26.16
C SER D 190 -12.21 37.36 26.81
N THR D 191 -12.07 37.68 28.11
CA THR D 191 -13.15 38.28 28.88
C THR D 191 -12.79 39.62 29.51
N ARG D 192 -11.50 39.96 29.62
CA ARG D 192 -11.11 41.11 30.42
C ARG D 192 -11.22 42.43 29.68
N ILE D 193 -11.21 42.41 28.34
CA ILE D 193 -11.33 43.62 27.54
C ILE D 193 -12.33 43.34 26.42
N GLU D 194 -13.22 44.30 26.18
CA GLU D 194 -14.23 44.13 25.14
C GLU D 194 -13.58 44.23 23.77
N PRO D 195 -14.12 43.52 22.76
CA PRO D 195 -15.27 42.62 22.86
C PRO D 195 -14.91 41.23 23.36
N LYS D 196 -15.75 40.63 24.19
CA LYS D 196 -15.54 39.26 24.63
C LYS D 196 -15.69 38.32 23.45
N ILE D 197 -14.71 37.41 23.29
CA ILE D 197 -14.70 36.48 22.17
C ILE D 197 -14.16 35.13 22.62
N GLY D 198 -14.48 34.11 21.85
CA GLY D 198 -13.93 32.77 22.03
C GLY D 198 -13.06 32.39 20.84
N TRP D 199 -12.01 31.63 21.11
CA TRP D 199 -11.07 31.16 20.09
C TRP D 199 -11.10 29.64 20.00
N TRP D 200 -10.79 29.13 18.80
CA TRP D 200 -10.35 27.74 18.67
C TRP D 200 -9.43 27.65 17.47
N VAL D 201 -8.17 27.29 17.73
CA VAL D 201 -7.14 27.22 16.69
C VAL D 201 -6.45 25.87 16.78
N GLY D 202 -6.06 25.33 15.62
CA GLY D 202 -5.40 24.04 15.57
C GLY D 202 -5.34 23.53 14.15
N TRP D 203 -5.38 22.21 14.02
CA TRP D 203 -5.43 21.61 12.70
C TRP D 203 -6.05 20.22 12.78
N VAL D 204 -6.49 19.74 11.61
CA VAL D 204 -7.08 18.42 11.47
C VAL D 204 -6.13 17.60 10.61
N GLU D 205 -5.64 16.49 11.16
CA GLU D 205 -4.74 15.61 10.43
C GLU D 205 -5.56 14.51 9.76
N LEU D 206 -5.39 14.37 8.46
CA LEU D 206 -5.94 13.27 7.69
C LEU D 206 -4.82 12.36 7.24
N ASP D 207 -5.20 11.22 6.65
CA ASP D 207 -4.21 10.27 6.17
C ASP D 207 -3.24 10.94 5.21
N ASP D 208 -3.74 11.83 4.35
CA ASP D 208 -2.95 12.36 3.23
C ASP D 208 -3.10 13.88 3.11
N ASN D 209 -3.40 14.57 4.20
CA ASN D 209 -3.55 16.02 4.15
C ASN D 209 -3.71 16.55 5.56
N VAL D 210 -3.54 17.86 5.71
CA VAL D 210 -3.73 18.55 6.98
C VAL D 210 -4.52 19.82 6.72
N TRP D 211 -5.57 20.03 7.50
CA TRP D 211 -6.42 21.22 7.39
C TRP D 211 -6.21 22.07 8.63
N PHE D 212 -5.54 23.21 8.46
CA PHE D 212 -5.39 24.16 9.54
C PHE D 212 -6.66 24.99 9.69
N PHE D 213 -6.98 25.34 10.93
CA PHE D 213 -8.17 26.13 11.19
C PHE D 213 -7.92 27.10 12.34
N ALA D 214 -8.61 28.24 12.26
CA ALA D 214 -8.65 29.20 13.35
C ALA D 214 -10.01 29.88 13.30
N MET D 215 -10.68 29.96 14.45
CA MET D 215 -12.00 30.55 14.51
C MET D 215 -12.10 31.42 15.76
N ASN D 216 -12.86 32.50 15.65
CA ASN D 216 -13.28 33.25 16.81
C ASN D 216 -14.71 33.71 16.60
N MET D 217 -15.37 34.04 17.71
CA MET D 217 -16.78 34.41 17.70
C MET D 217 -17.06 35.27 18.92
N ASP D 218 -18.04 36.17 18.79
CA ASP D 218 -18.47 36.96 19.94
C ASP D 218 -19.00 36.03 21.03
N MET D 219 -18.63 36.31 22.28
CA MET D 219 -18.94 35.43 23.41
C MET D 219 -19.34 36.28 24.60
N PRO D 220 -20.54 36.86 24.58
CA PRO D 220 -20.97 37.70 25.71
C PRO D 220 -21.08 36.93 27.02
N THR D 221 -21.34 35.62 26.97
CA THR D 221 -21.40 34.79 28.17
C THR D 221 -20.72 33.47 27.89
N SER D 222 -20.27 32.82 28.97
CA SER D 222 -19.61 31.52 28.88
C SER D 222 -20.56 30.41 28.47
N ASP D 223 -21.88 30.65 28.49
CA ASP D 223 -22.82 29.58 28.19
C ASP D 223 -22.63 29.06 26.77
N GLY D 224 -22.12 29.89 25.86
CA GLY D 224 -21.94 29.52 24.48
C GLY D 224 -20.57 28.98 24.12
N LEU D 225 -19.74 28.66 25.11
CA LEU D 225 -18.37 28.24 24.82
C LEU D 225 -18.33 26.99 23.97
N GLY D 226 -19.29 26.08 24.18
CA GLY D 226 -19.33 24.86 23.38
C GLY D 226 -19.51 25.12 21.90
N LEU D 227 -20.01 26.30 21.52
CA LEU D 227 -20.21 26.61 20.12
C LEU D 227 -18.91 26.80 19.37
N ARG D 228 -17.80 27.09 20.07
CA ARG D 228 -16.53 27.24 19.39
C ARG D 228 -16.18 25.98 18.60
N GLN D 229 -16.27 24.82 19.24
CA GLN D 229 -15.97 23.56 18.55
C GLN D 229 -17.13 23.13 17.66
N ALA D 230 -18.37 23.35 18.09
CA ALA D 230 -19.53 22.87 17.34
C ALA D 230 -19.61 23.54 15.98
N ILE D 231 -19.52 24.87 15.94
CA ILE D 231 -19.59 25.59 14.67
C ILE D 231 -18.43 25.19 13.76
N THR D 232 -17.22 25.09 14.32
CA THR D 232 -16.07 24.68 13.54
C THR D 232 -16.30 23.32 12.90
N LYS D 233 -16.81 22.37 13.68
CA LYS D 233 -17.02 21.02 13.16
C LYS D 233 -18.13 20.98 12.11
N GLU D 234 -19.11 21.88 12.21
CA GLU D 234 -20.15 21.94 11.19
C GLU D 234 -19.59 22.41 9.84
N VAL D 235 -18.60 23.30 9.87
CA VAL D 235 -17.92 23.68 8.63
C VAL D 235 -17.13 22.49 8.09
N LEU D 236 -16.34 21.84 8.96
CA LEU D 236 -15.57 20.68 8.52
C LEU D 236 -16.46 19.62 7.90
N LYS D 237 -17.59 19.31 8.55
CA LYS D 237 -18.52 18.34 7.99
C LYS D 237 -19.01 18.77 6.61
N GLN D 238 -19.45 20.03 6.49
CA GLN D 238 -19.96 20.53 5.22
C GLN D 238 -18.93 20.40 4.11
N GLU D 239 -17.67 20.74 4.40
CA GLU D 239 -16.60 20.67 3.43
C GLU D 239 -16.05 19.26 3.21
N LYS D 240 -16.69 18.24 3.76
CA LYS D 240 -16.28 16.85 3.57
C LYS D 240 -14.90 16.57 4.16
N ILE D 241 -14.46 17.37 5.13
CA ILE D 241 -13.18 17.11 5.77
C ILE D 241 -13.30 16.04 6.84
N ILE D 242 -14.44 15.99 7.54
CA ILE D 242 -14.68 14.95 8.54
C ILE D 242 -16.09 14.39 8.32
N PRO D 243 -16.36 13.14 8.74
CA PRO D 243 -17.71 12.58 8.54
C PRO D 243 -18.76 13.30 9.37
N M8Q E . -2.42 -11.25 6.65
C M8Q E . 0.20 -10.96 7.32
O M8Q E . -5.84 -5.83 12.83
C1 M8Q E . -2.97 -10.01 6.09
C10 M8Q E . -5.18 -3.85 9.89
C11 M8Q E . -5.42 -4.95 10.69
C12 M8Q E . -5.63 -4.79 12.17
C13 M8Q E . -5.43 -6.21 10.11
C14 M8Q E . -4.16 -8.26 7.47
C2 M8Q E . -4.18 -9.50 6.85
C3 M8Q E . -5.35 -10.25 6.90
C4 M8Q E . -6.46 -9.76 7.56
C5 M8Q E . -6.43 -8.52 8.17
C6 M8Q E . -5.27 -7.75 8.13
C7 M8Q E . -5.24 -6.39 8.73
C8 M8Q E . -5.01 -5.26 7.95
C9 M8Q E . -4.99 -4.00 8.52
O1 M8Q E . -5.60 -3.64 12.65
O2 M8Q E . -1.80 -10.33 8.84
O3 M8Q E . -1.40 -12.71 8.33
S M8Q E . -1.41 -11.34 7.91
H M8Q E . 0.22 -10.37 6.40
H2 M8Q E . 0.85 -11.80 7.12
H5 M8Q E . -3.24 -10.14 5.05
H4 M8Q E . -2.19 -9.24 6.10
H11 M8Q E . -5.16 -2.85 10.33
H12 M8Q E . -5.62 -7.08 10.74
H13 M8Q E . -3.25 -7.66 7.47
H6 M8Q E . -5.39 -11.23 6.42
H7 M8Q E . -7.38 -10.36 7.60
H8 M8Q E . -7.32 -8.15 8.69
H9 M8Q E . -4.85 -5.38 6.89
H10 M8Q E . -4.80 -3.13 7.89
H1 M8Q E . 0.77 -10.34 8.02
H3 M8Q E . -2.77 -12.06 6.14
CL CL F . 0.78 12.56 20.05
N M8Q G . 3.65 13.37 -14.34
N M8Q G . 13.09 14.77 -20.58
C M8Q G . 3.56 15.16 -12.29
C M8Q G . 12.82 17.33 -21.47
O M8Q G . 6.24 10.84 -24.16
O M8Q G . 7.83 9.47 -24.12
C1 M8Q G . 3.33 12.72 -15.62
C1 M8Q G . 12.05 14.00 -21.28
C10 M8Q G . 7.31 12.30 -22.02
C10 M8Q G . 5.20 11.01 -22.15
C11 M8Q G . 6.38 11.30 -21.84
C11 M8Q G . 6.47 10.66 -22.59
C12 M8Q G . 5.83 10.54 -23.02
C12 M8Q G . 6.66 9.72 -23.76
C13 M8Q G . 5.94 11.02 -20.55
C13 M8Q G . 7.58 11.20 -21.94
C14 M8Q G . 4.93 12.17 -17.49
C14 M8Q G . 9.74 13.05 -20.99
C2 M8Q G . 4.44 11.90 -16.22
C2 M8Q G . 10.88 13.60 -20.42
C3 M8Q G . 4.99 10.84 -15.50
C3 M8Q G . 10.91 13.78 -19.04
C4 M8Q G . 5.99 10.06 -16.07
C4 M8Q G . 9.83 13.41 -18.26
C5 M8Q G . 6.45 10.33 -17.35
C5 M8Q G . 8.70 12.85 -18.84
C6 M8Q G . 5.92 11.39 -18.07
C6 M8Q G . 8.64 12.66 -20.22
C7 M8Q G . 6.42 11.71 -19.44
C7 M8Q G . 7.45 12.08 -20.87
C8 M8Q G . 7.37 12.71 -19.66
C8 M8Q G . 6.15 12.40 -20.45
C9 M8Q G . 7.81 13.00 -20.93
C9 M8Q G . 5.04 11.87 -21.08
O1 M8Q G . 4.98 9.63 -22.79
O1 M8Q G . 5.63 9.26 -24.31
O2 M8Q G . 1.75 13.39 -12.80
O2 M8Q G . 14.90 16.39 -20.25
O3 M8Q G . 2.08 15.24 -14.40
O3 M8Q G . 14.39 15.55 -22.51
S M8Q G . 2.63 14.29 -13.49
S M8Q G . 13.93 16.00 -21.23
H M8Q G . 3.09 16.04 -11.88
H M8Q G . 12.99 18.19 -20.81
H2 M8Q G . 4.55 15.49 -12.61
H2 M8Q G . 11.76 17.09 -21.35
H5 M8Q G . 3.03 13.48 -16.35
H5 M8Q G . 12.48 13.10 -21.73
H4 M8Q G . 2.45 12.10 -15.48
H4 M8Q G . 11.69 14.60 -22.12
H11 M8Q G . 7.67 12.53 -23.03
H11 M8Q G . 4.33 10.59 -22.65
H12 M8Q G . 5.19 10.22 -20.41
H12 M8Q G . 8.58 10.93 -22.30
H13 M8Q G . 4.52 12.99 -18.07
H13 M8Q G . 9.69 12.90 -22.06
H6 M8Q G . 4.63 10.61 -14.51
H6 M8Q G . 11.79 14.21 -18.56
H7 M8Q G . 6.40 9.22 -15.50
H7 M8Q G . 9.87 13.55 -17.18
H8 M8Q G . 7.22 9.70 -17.79
H8 M8Q G . 7.85 12.57 -18.23
H9 M8Q G . 7.76 13.26 -18.80
H9 M8Q G . 6.02 13.08 -19.60
H10 M8Q G . 8.56 13.78 -21.07
H10 M8Q G . 4.05 12.13 -20.74
H1 M8Q G . 3.78 14.56 -11.40
H1 M8Q G . 12.88 17.75 -22.47
H3 M8Q G . 4.60 13.17 -14.05
H3 M8Q G . 13.22 14.43 -19.64
CL CL H . -5.48 10.57 -40.89
N M8Q I . -6.95 -24.30 3.92
C M8Q I . -8.59 -22.13 4.13
O M8Q I . -4.45 -26.40 -3.57
C1 M8Q I . -6.75 -24.27 2.46
C10 M8Q I . -1.10 -25.77 -2.35
C11 M8Q I . -2.48 -25.78 -2.41
C12 M8Q I . -3.20 -26.41 -3.58
C13 M8Q I . -3.21 -25.19 -1.38
C14 M8Q I . -4.62 -24.38 1.12
C2 M8Q I . -5.38 -23.74 2.09
C3 M8Q I . -4.86 -22.63 2.73
C4 M8Q I . -3.60 -22.15 2.40
C5 M8Q I . -2.85 -22.80 1.43
C6 M8Q I . -3.36 -23.91 0.77
C7 M8Q I . -2.57 -24.59 -0.29
C8 M8Q I . -1.17 -24.61 -0.26
C9 M8Q I . -0.44 -25.19 -1.28
O1 M8Q I . -2.50 -26.93 -4.48
O2 M8Q I . -9.34 -24.60 4.38
O3 M8Q I . -7.85 -23.64 6.10
S M8Q I . -8.24 -23.75 4.72
H M8Q I . -9.64 -21.85 4.15
H2 M8Q I . -8.26 -21.91 3.11
H5 M8Q I . -7.52 -23.66 1.98
H4 M8Q I . -6.87 -25.28 2.07
H11 M8Q I . -0.53 -26.23 -3.16
H12 M8Q I . -4.29 -25.21 -1.42
H13 M8Q I . -5.00 -25.25 0.59
H6 M8Q I . -5.44 -22.12 3.50
H7 M8Q I . -3.20 -21.29 2.91
H8 M8Q I . -1.86 -22.42 1.17
H9 M8Q I . -0.66 -24.16 0.59
H10 M8Q I . 0.64 -25.19 -1.23
H1 M8Q I . -8.12 -21.35 4.72
H3 M8Q I . -6.16 -24.71 4.39
N M8Q J . -17.52 29.96 33.08
C M8Q J . -19.80 30.70 34.36
O M8Q J . -12.33 28.46 26.97
C1 M8Q J . -16.29 29.26 32.68
C10 M8Q J . -9.61 29.55 29.10
C11 M8Q J . -10.91 29.31 28.66
C12 M8Q J . -11.14 28.65 27.32
C13 M8Q J . -11.98 29.67 29.46
C14 M8Q J . -14.03 29.85 31.72
C2 M8Q J . -15.12 30.21 32.49
C3 M8Q J . -15.14 31.47 33.07
C4 M8Q J . -14.07 32.34 32.89
C5 M8Q J . -12.99 31.96 32.13
C6 M8Q J . -12.95 30.71 31.52
C7 M8Q J . -11.78 30.29 30.70
C8 M8Q J . -10.48 30.52 31.12
C9 M8Q J . -9.40 30.15 30.33
O1 M8Q J . -10.14 28.34 26.63
O2 M8Q J . -19.10 28.26 33.85
O3 M8Q J . -17.77 29.55 35.48
S M8Q J . -18.53 29.50 34.26
H M8Q J . -20.63 30.54 33.67
H2 M8Q J . -19.50 31.73 34.22
H5 M8Q J . -16.44 28.70 31.75
H4 M8Q J . -16.03 28.52 33.44
H11 M8Q J . -8.77 29.26 28.48
H12 M8Q J . -13.00 29.46 29.11
H13 M8Q J . -13.99 28.87 31.25
H6 M8Q J . -15.98 31.78 33.68
H7 M8Q J . -14.10 33.32 33.36
H8 M8Q J . -12.16 32.65 31.99
H9 M8Q J . -10.31 30.99 32.08
H10 M8Q J . -8.39 30.34 30.68
H1 M8Q J . -20.29 30.71 35.33
H3 M8Q J . -17.67 30.79 32.51
N M8Q K . -7.27 34.29 35.18
C M8Q K . -7.72 34.46 37.86
O M8Q K . -10.91 28.17 27.66
C1 M8Q K . -8.69 33.96 34.97
C10 M8Q K . -11.98 29.28 29.99
C11 M8Q K . -10.85 29.79 29.37
C12 M8Q K . -10.30 29.16 28.12
C13 M8Q K . -10.22 30.91 29.92
C14 M8Q K . -9.67 32.79 32.96
C2 M8Q K . -9.07 33.92 33.51
C3 M8Q K . -8.83 35.01 32.69
C4 M8Q K . -9.19 34.98 31.35
C5 M8Q K . -9.79 33.84 30.82
C6 M8Q K . -10.04 32.73 31.62
C7 M8Q K . -10.71 31.52 31.07
C8 M8Q K . -11.85 30.99 31.67
C9 M8Q K . -12.48 29.88 31.14
O1 M8Q K . -9.27 29.65 27.61
O2 M8Q K . -5.85 33.06 36.76
O3 M8Q K . -5.71 35.52 36.62
S M8Q K . -6.51 34.33 36.61
H M8Q K . -8.59 33.82 37.74
H2 M8Q K . -8.13 35.46 38.02
H5 M8Q K . -9.33 34.67 35.49
H4 M8Q K . -8.90 32.99 35.42
H11 M8Q K . -12.48 28.41 29.57
H12 M8Q K . -9.32 31.30 29.42
H13 M8Q K . -9.88 31.92 33.58
H6 M8Q K . -8.36 35.90 33.09
H7 M8Q K . -8.99 35.83 30.72
H8 M8Q K . -10.06 33.82 29.76
H9 M8Q K . -12.24 31.45 32.58
H10 M8Q K . -13.37 29.48 31.62
H1 M8Q K . -7.35 34.17 38.85
H3 M8Q K . -6.81 34.50 34.30
#